data_6LDQ
#
_entry.id   6LDQ
#
_cell.length_a   50.022
_cell.length_b   134.059
_cell.length_c   60.794
_cell.angle_alpha   90.000
_cell.angle_beta   90.080
_cell.angle_gamma   90.000
#
_symmetry.space_group_name_H-M   'P 1 21 1'
#
loop_
_entity.id
_entity.type
_entity.pdbx_description
1 polymer 'Tll1590 protein'
2 non-polymer 'THIOCYANATE ION'
3 water water
#
_entity_poly.entity_id   1
_entity_poly.type   'polypeptide(L)'
_entity_poly.pdbx_seq_one_letter_code
;GSHMRQPIALISVHGDPAADVGHESAGGQNIYVRQLGEALAAAGWHVDMFTRKTDPNDPDVIEHSPHCRTIRLQAGPLTY
IPREKLFETLPKFVEAFKAYHAKYGYPLIHTNYWLSGWVGWQLRQQFNFQWLHTYHSLGVVKYQVASEQAQRDETRLMVE
KAILENADCVIVTSPQEEAYLRRWVSKAGQTRLIPCGTNWEAIALQMGQLYRQLFAASL
;
_entity_poly.pdbx_strand_id   D,A,B,C
#
# COMPACT_ATOMS: atom_id res chain seq x y z
N HIS A 3 2.65 -20.29 -28.03
CA HIS A 3 3.62 -21.03 -27.19
C HIS A 3 2.97 -21.48 -25.88
N MET A 4 3.74 -22.17 -25.04
CA MET A 4 3.48 -22.68 -23.69
C MET A 4 2.01 -23.03 -23.35
N ARG A 5 1.19 -22.02 -23.00
CA ARG A 5 -0.19 -22.22 -22.50
C ARG A 5 -1.15 -21.26 -23.22
N GLN A 6 -2.36 -21.77 -23.52
CA GLN A 6 -3.17 -21.11 -24.57
C GLN A 6 -3.93 -19.83 -24.31
N PRO A 7 -5.21 -19.85 -23.92
CA PRO A 7 -6.01 -18.68 -24.05
C PRO A 7 -5.46 -17.63 -23.08
N ILE A 8 -4.93 -16.54 -23.59
CA ILE A 8 -4.44 -15.46 -22.70
C ILE A 8 -5.34 -14.24 -22.86
N ALA A 9 -5.51 -13.50 -21.79
CA ALA A 9 -6.32 -12.30 -21.78
C ALA A 9 -5.43 -11.12 -21.47
N LEU A 10 -5.50 -10.09 -22.30
CA LEU A 10 -4.94 -8.79 -21.99
C LEU A 10 -6.11 -7.88 -21.59
N ILE A 11 -5.90 -7.06 -20.57
CA ILE A 11 -6.97 -6.20 -20.07
C ILE A 11 -6.46 -4.76 -20.04
N SER A 12 -7.22 -3.86 -20.68
CA SER A 12 -7.01 -2.41 -20.71
C SER A 12 -8.40 -1.76 -20.60
N VAL A 13 -8.90 -1.67 -19.36
CA VAL A 13 -10.18 -1.02 -19.08
C VAL A 13 -10.32 0.24 -19.94
N HIS A 14 -9.35 1.15 -19.83
CA HIS A 14 -9.29 2.28 -20.74
C HIS A 14 -8.50 1.92 -22.00
N ILE A 31 -3.25 2.49 -26.79
CA ILE A 31 -3.04 1.64 -27.96
C ILE A 31 -2.09 0.51 -27.60
N TYR A 32 -1.62 0.54 -26.35
CA TYR A 32 -0.59 -0.40 -25.89
C TYR A 32 -1.06 -1.84 -26.04
N VAL A 33 -2.29 -2.11 -25.61
CA VAL A 33 -2.78 -3.49 -25.57
C VAL A 33 -3.18 -3.96 -26.97
N ARG A 34 -3.91 -3.12 -27.71
CA ARG A 34 -4.32 -3.50 -29.06
C ARG A 34 -3.13 -3.92 -29.91
N GLN A 35 -2.05 -3.14 -29.88
CA GLN A 35 -0.91 -3.48 -30.72
C GLN A 35 -0.17 -4.69 -30.18
N LEU A 36 0.00 -4.76 -28.86
CA LEU A 36 0.68 -5.91 -28.26
C LEU A 36 -0.01 -7.22 -28.63
N GLY A 37 -1.32 -7.33 -28.38
CA GLY A 37 -2.01 -8.60 -28.59
C GLY A 37 -1.97 -9.08 -30.03
N GLU A 38 -2.04 -8.15 -30.99
CA GLU A 38 -1.95 -8.52 -32.40
C GLU A 38 -0.55 -9.03 -32.75
N ALA A 39 0.50 -8.37 -32.27
CA ALA A 39 1.84 -8.90 -32.49
C ALA A 39 2.03 -10.21 -31.75
N LEU A 40 1.49 -10.32 -30.53
CA LEU A 40 1.58 -11.59 -29.81
C LEU A 40 0.95 -12.73 -30.61
N ALA A 41 -0.25 -12.49 -31.15
CA ALA A 41 -0.95 -13.53 -31.91
C ALA A 41 -0.23 -13.90 -33.18
N ALA A 42 0.42 -12.92 -33.83
CA ALA A 42 1.32 -13.20 -34.95
C ALA A 42 2.37 -14.23 -34.59
N ALA A 43 2.91 -14.14 -33.37
CA ALA A 43 3.85 -15.15 -32.86
C ALA A 43 3.18 -16.43 -32.40
N GLY A 44 1.85 -16.52 -32.46
CA GLY A 44 1.15 -17.76 -32.19
C GLY A 44 0.31 -17.79 -30.94
N TRP A 45 0.22 -16.69 -30.19
CA TRP A 45 -0.59 -16.67 -28.98
C TRP A 45 -2.06 -16.53 -29.34
N HIS A 46 -2.91 -17.19 -28.56
CA HIS A 46 -4.36 -17.00 -28.67
C HIS A 46 -4.76 -15.90 -27.69
N VAL A 47 -5.12 -14.72 -28.22
CA VAL A 47 -5.22 -13.48 -27.42
C VAL A 47 -6.63 -12.91 -27.48
N ASP A 48 -7.26 -12.76 -26.30
CA ASP A 48 -8.49 -12.00 -26.11
C ASP A 48 -8.12 -10.73 -25.32
N MET A 49 -8.34 -9.57 -25.92
CA MET A 49 -8.11 -8.28 -25.28
C MET A 49 -9.45 -7.67 -24.86
N PHE A 50 -9.53 -7.18 -23.63
CA PHE A 50 -10.78 -6.64 -23.08
C PHE A 50 -10.60 -5.16 -22.75
N THR A 51 -11.53 -4.34 -23.22
CA THR A 51 -11.63 -2.94 -22.85
C THR A 51 -13.10 -2.65 -22.60
N ARG A 52 -13.38 -1.46 -22.06
CA ARG A 52 -14.76 -1.10 -21.80
C ARG A 52 -15.43 -0.56 -23.06
N LYS A 53 -16.75 -0.74 -23.12
CA LYS A 53 -17.55 -0.06 -24.12
C LYS A 53 -17.67 1.41 -23.78
N THR A 54 -17.62 2.26 -24.79
CA THR A 54 -17.77 3.70 -24.61
C THR A 54 -18.89 4.28 -25.47
N ASP A 55 -19.70 3.42 -26.11
CA ASP A 55 -20.86 3.85 -26.87
C ASP A 55 -21.84 2.69 -26.95
N PRO A 56 -23.15 2.93 -26.82
CA PRO A 56 -24.12 1.82 -26.93
C PRO A 56 -24.16 1.17 -28.31
N ASN A 57 -23.61 1.82 -29.33
CA ASN A 57 -23.48 1.21 -30.66
C ASN A 57 -22.15 0.51 -30.86
N ASP A 58 -21.31 0.43 -29.82
CA ASP A 58 -20.04 -0.28 -29.93
C ASP A 58 -20.29 -1.76 -30.25
N PRO A 59 -19.49 -2.36 -31.11
CA PRO A 59 -19.54 -3.82 -31.26
C PRO A 59 -18.96 -4.53 -30.04
N ASP A 60 -19.48 -5.72 -29.76
CA ASP A 60 -19.06 -6.49 -28.60
C ASP A 60 -17.70 -7.16 -28.83
N VAL A 61 -17.52 -7.76 -30.00
CA VAL A 61 -16.31 -8.47 -30.34
C VAL A 61 -15.81 -7.93 -31.66
N ILE A 62 -14.53 -7.56 -31.72
CA ILE A 62 -13.88 -7.19 -32.96
C ILE A 62 -12.78 -8.20 -33.21
N GLU A 63 -12.96 -9.05 -34.22
CA GLU A 63 -11.96 -10.03 -34.59
C GLU A 63 -10.86 -9.38 -35.43
N HIS A 64 -9.61 -9.60 -35.04
CA HIS A 64 -8.47 -9.15 -35.81
C HIS A 64 -7.81 -10.28 -36.58
N SER A 65 -7.92 -11.51 -36.11
CA SER A 65 -7.35 -12.69 -36.74
C SER A 65 -7.96 -13.93 -36.10
N PRO A 66 -7.81 -15.14 -36.69
CA PRO A 66 -8.46 -16.33 -36.12
C PRO A 66 -8.24 -16.57 -34.64
N HIS A 67 -7.14 -16.06 -34.07
CA HIS A 67 -6.91 -16.26 -32.65
C HIS A 67 -6.66 -14.95 -31.91
N CYS A 68 -7.12 -13.82 -32.47
CA CYS A 68 -6.90 -12.51 -31.86
C CYS A 68 -8.18 -11.68 -32.00
N ARG A 69 -8.72 -11.19 -30.89
CA ARG A 69 -9.90 -10.35 -30.93
C ARG A 69 -9.88 -9.35 -29.77
N THR A 70 -10.64 -8.27 -29.94
CA THR A 70 -10.94 -7.34 -28.86
C THR A 70 -12.38 -7.56 -28.43
N ILE A 71 -12.61 -7.63 -27.12
CA ILE A 71 -13.94 -7.75 -26.53
C ILE A 71 -14.25 -6.47 -25.75
N ARG A 72 -15.36 -5.85 -26.07
CA ARG A 72 -15.76 -4.61 -25.39
C ARG A 72 -16.87 -4.91 -24.41
N LEU A 73 -16.63 -4.64 -23.13
CA LEU A 73 -17.53 -5.05 -22.09
C LEU A 73 -18.34 -3.84 -21.64
N GLN A 74 -19.63 -4.05 -21.45
CA GLN A 74 -20.43 -3.01 -20.83
C GLN A 74 -20.08 -2.97 -19.35
N ALA A 75 -19.49 -1.86 -18.92
CA ALA A 75 -19.05 -1.76 -17.52
C ALA A 75 -19.06 -0.28 -17.15
N GLY A 76 -20.17 0.17 -16.58
CA GLY A 76 -20.39 1.57 -16.37
C GLY A 76 -20.96 2.22 -17.61
N PRO A 77 -21.13 3.54 -17.56
CA PRO A 77 -21.84 4.25 -18.63
C PRO A 77 -21.25 3.98 -20.01
N LEU A 78 -22.15 3.87 -20.99
CA LEU A 78 -21.77 3.72 -22.39
C LEU A 78 -21.39 5.08 -22.97
N THR A 79 -20.26 5.60 -22.48
CA THR A 79 -19.74 6.89 -22.90
C THR A 79 -18.23 6.89 -22.61
N TYR A 80 -17.53 7.87 -23.18
CA TYR A 80 -16.11 8.02 -22.88
C TYR A 80 -15.91 8.56 -21.48
N ILE A 81 -15.22 7.80 -20.64
CA ILE A 81 -14.90 8.20 -19.28
C ILE A 81 -13.38 8.27 -19.16
N PRO A 82 -12.82 9.38 -18.71
CA PRO A 82 -11.35 9.45 -18.58
C PRO A 82 -10.87 8.61 -17.41
N ARG A 83 -9.57 8.32 -17.43
CA ARG A 83 -8.98 7.40 -16.46
C ARG A 83 -9.23 7.83 -15.02
N GLU A 84 -9.21 9.14 -14.77
CA GLU A 84 -9.40 9.65 -13.40
C GLU A 84 -10.82 9.48 -12.87
N LYS A 85 -11.76 9.00 -13.69
CA LYS A 85 -13.12 8.70 -13.25
C LYS A 85 -13.48 7.23 -13.45
N LEU A 86 -12.51 6.37 -13.77
CA LEU A 86 -12.83 4.99 -14.12
C LEU A 86 -12.90 4.08 -12.91
N PHE A 87 -12.19 4.39 -11.81
CA PHE A 87 -12.10 3.45 -10.69
C PHE A 87 -13.47 2.91 -10.25
N GLU A 88 -14.50 3.77 -10.22
CA GLU A 88 -15.78 3.31 -9.69
C GLU A 88 -16.52 2.36 -10.64
N THR A 89 -16.02 2.16 -11.87
CA THR A 89 -16.64 1.28 -12.86
C THR A 89 -16.09 -0.14 -12.83
N LEU A 90 -15.01 -0.37 -12.08
CA LEU A 90 -14.18 -1.58 -12.11
C LEU A 90 -14.87 -2.82 -11.55
N PRO A 91 -15.66 -2.72 -10.46
CA PRO A 91 -16.44 -3.91 -10.05
C PRO A 91 -17.38 -4.42 -11.14
N LYS A 92 -17.91 -3.53 -11.98
CA LYS A 92 -18.72 -3.98 -13.09
C LYS A 92 -17.86 -4.60 -14.18
N PHE A 93 -16.67 -4.03 -14.41
CA PHE A 93 -15.75 -4.61 -15.40
C PHE A 93 -15.30 -6.00 -14.96
N VAL A 94 -15.12 -6.19 -13.66
CA VAL A 94 -14.72 -7.50 -13.14
C VAL A 94 -15.81 -8.53 -13.38
N GLU A 95 -17.08 -8.15 -13.14
CA GLU A 95 -18.20 -9.06 -13.35
C GLU A 95 -18.38 -9.42 -14.83
N ALA A 96 -18.27 -8.42 -15.70
CA ALA A 96 -18.40 -8.67 -17.13
C ALA A 96 -17.28 -9.58 -17.63
N PHE A 97 -16.05 -9.36 -17.15
CA PHE A 97 -14.93 -10.19 -17.55
C PHE A 97 -15.10 -11.62 -17.06
N LYS A 98 -15.64 -11.78 -15.84
CA LYS A 98 -15.77 -13.12 -15.26
C LYS A 98 -16.68 -14.03 -16.09
N ALA A 99 -17.58 -13.47 -16.90
CA ALA A 99 -18.35 -14.32 -17.83
C ALA A 99 -17.46 -14.93 -18.90
N TYR A 100 -16.43 -14.21 -19.36
CA TYR A 100 -15.48 -14.78 -20.32
C TYR A 100 -14.48 -15.71 -19.64
N HIS A 101 -13.94 -15.29 -18.49
CA HIS A 101 -13.02 -16.13 -17.75
C HIS A 101 -13.69 -17.42 -17.28
N ALA A 102 -15.01 -17.40 -17.08
CA ALA A 102 -15.70 -18.61 -16.63
C ALA A 102 -15.67 -19.72 -17.67
N LYS A 103 -15.61 -19.36 -18.96
CA LYS A 103 -15.54 -20.32 -20.07
C LYS A 103 -14.12 -20.54 -20.56
N TYR A 104 -13.36 -19.46 -20.77
CA TYR A 104 -12.05 -19.61 -21.40
C TYR A 104 -10.95 -19.98 -20.42
N GLY A 105 -11.15 -19.73 -19.14
CA GLY A 105 -10.19 -20.16 -18.12
C GLY A 105 -8.77 -19.68 -18.31
N TYR A 106 -8.58 -18.48 -18.86
CA TYR A 106 -7.27 -17.89 -19.15
C TYR A 106 -6.18 -18.21 -18.12
N PRO A 107 -5.16 -19.02 -18.50
CA PRO A 107 -4.06 -19.29 -17.56
C PRO A 107 -3.15 -18.11 -17.33
N LEU A 108 -3.18 -17.12 -18.21
CA LEU A 108 -2.38 -15.92 -18.05
C LEU A 108 -3.27 -14.73 -18.34
N ILE A 109 -3.18 -13.73 -17.50
CA ILE A 109 -3.90 -12.48 -17.69
C ILE A 109 -2.89 -11.36 -17.54
N HIS A 110 -2.83 -10.47 -18.53
CA HIS A 110 -1.86 -9.38 -18.56
C HIS A 110 -2.62 -8.07 -18.53
N THR A 111 -2.51 -7.34 -17.42
CA THR A 111 -3.27 -6.12 -17.14
C THR A 111 -2.43 -4.90 -17.47
N ASN A 112 -3.11 -3.82 -17.89
CA ASN A 112 -2.46 -2.61 -18.38
C ASN A 112 -2.93 -1.40 -17.59
N TYR A 113 -1.97 -0.66 -17.02
CA TYR A 113 -2.24 0.50 -16.16
C TYR A 113 -2.91 0.08 -14.84
N TRP A 114 -2.71 0.89 -13.79
CA TRP A 114 -3.09 0.44 -12.45
C TRP A 114 -4.57 0.11 -12.35
N LEU A 115 -5.42 0.77 -13.14
CA LEU A 115 -6.88 0.54 -13.09
C LEU A 115 -7.23 -0.88 -13.52
N SER A 116 -6.74 -1.30 -14.66
CA SER A 116 -6.88 -2.71 -15.05
C SER A 116 -6.22 -3.61 -14.01
N GLY A 117 -5.17 -3.13 -13.34
CA GLY A 117 -4.49 -3.96 -12.36
C GLY A 117 -5.31 -4.28 -11.14
N TRP A 118 -6.11 -3.32 -10.68
CA TRP A 118 -7.15 -3.60 -9.69
C TRP A 118 -8.01 -4.78 -10.13
N VAL A 119 -8.42 -4.78 -11.39
CA VAL A 119 -9.19 -5.91 -11.90
C VAL A 119 -8.36 -7.19 -11.77
N GLY A 120 -7.09 -7.13 -12.18
CA GLY A 120 -6.23 -8.29 -12.03
C GLY A 120 -6.08 -8.71 -10.58
N TRP A 121 -5.89 -7.72 -9.69
CA TRP A 121 -5.77 -8.01 -8.27
C TRP A 121 -7.02 -8.72 -7.72
N GLN A 122 -8.22 -8.22 -8.08
CA GLN A 122 -9.45 -8.88 -7.64
C GLN A 122 -9.55 -10.30 -8.20
N LEU A 123 -9.19 -10.47 -9.46
CA LEU A 123 -9.23 -11.81 -10.06
C LEU A 123 -8.25 -12.75 -9.38
N ARG A 124 -7.01 -12.29 -9.14
CA ARG A 124 -6.00 -13.15 -8.54
C ARG A 124 -6.39 -13.60 -7.15
N GLN A 125 -7.23 -12.83 -6.44
CA GLN A 125 -7.66 -13.27 -5.12
C GLN A 125 -8.60 -14.46 -5.19
N GLN A 126 -9.23 -14.69 -6.34
CA GLN A 126 -10.22 -15.75 -6.50
C GLN A 126 -9.70 -16.93 -7.31
N PHE A 127 -8.80 -16.67 -8.25
CA PHE A 127 -8.35 -17.68 -9.19
C PHE A 127 -6.83 -17.78 -9.18
N ASN A 128 -6.35 -18.89 -9.74
CA ASN A 128 -4.92 -19.17 -9.90
C ASN A 128 -4.56 -19.01 -11.38
N PHE A 129 -3.89 -17.91 -11.70
CA PHE A 129 -3.40 -17.66 -13.05
C PHE A 129 -2.06 -16.93 -12.95
N GLN A 130 -1.31 -16.94 -14.05
CA GLN A 130 -0.10 -16.14 -14.15
C GLN A 130 -0.51 -14.71 -14.46
N TRP A 131 -0.17 -13.78 -13.58
CA TRP A 131 -0.62 -12.40 -13.69
C TRP A 131 0.57 -11.50 -13.96
N LEU A 132 0.58 -10.88 -15.14
CA LEU A 132 1.58 -9.88 -15.47
C LEU A 132 0.92 -8.53 -15.56
N HIS A 133 1.66 -7.49 -15.16
CA HIS A 133 1.10 -6.15 -15.22
C HIS A 133 2.12 -5.19 -15.81
N THR A 134 1.67 -4.38 -16.76
CA THR A 134 2.46 -3.29 -17.30
C THR A 134 2.13 -1.98 -16.60
N TYR A 135 3.15 -1.35 -16.05
CA TYR A 135 3.08 -0.06 -15.36
C TYR A 135 3.11 1.10 -16.35
N HIS A 136 2.37 2.18 -16.05
CA HIS A 136 2.60 3.45 -16.73
C HIS A 136 2.43 4.61 -15.77
N SER A 137 3.27 5.62 -15.96
CA SER A 137 3.12 6.86 -15.22
C SER A 137 2.14 7.81 -15.90
N ARG A 152 -7.63 10.21 -4.78
CA ARG A 152 -7.32 9.48 -6.00
C ARG A 152 -5.88 9.02 -5.98
N ASP A 153 -4.97 9.92 -5.58
CA ASP A 153 -3.59 9.51 -5.38
C ASP A 153 -3.51 8.45 -4.28
N GLU A 154 -4.32 8.59 -3.24
CA GLU A 154 -4.33 7.63 -2.15
C GLU A 154 -4.74 6.25 -2.65
N THR A 155 -5.81 6.19 -3.46
CA THR A 155 -6.24 4.93 -4.03
C THR A 155 -5.16 4.35 -4.94
N ARG A 156 -4.65 5.17 -5.87
CA ARG A 156 -3.69 4.66 -6.84
C ARG A 156 -2.48 4.02 -6.14
N LEU A 157 -1.93 4.72 -5.14
CA LEU A 157 -0.73 4.22 -4.46
C LEU A 157 -1.00 2.90 -3.73
N MET A 158 -2.12 2.79 -3.03
CA MET A 158 -2.43 1.55 -2.33
C MET A 158 -2.62 0.41 -3.32
N VAL A 159 -3.29 0.69 -4.43
CA VAL A 159 -3.54 -0.35 -5.43
C VAL A 159 -2.24 -0.73 -6.11
N GLU A 160 -1.42 0.26 -6.46
CA GLU A 160 -0.15 -0.02 -7.10
C GLU A 160 0.76 -0.86 -6.21
N LYS A 161 0.74 -0.60 -4.90
CA LYS A 161 1.49 -1.46 -3.98
C LYS A 161 0.94 -2.89 -4.00
N ALA A 162 -0.38 -3.03 -3.95
CA ALA A 162 -0.97 -4.37 -3.94
C ALA A 162 -0.61 -5.14 -5.20
N ILE A 163 -0.54 -4.45 -6.34
CA ILE A 163 -0.20 -5.11 -7.59
C ILE A 163 1.26 -5.57 -7.58
N LEU A 164 2.17 -4.67 -7.18
CA LEU A 164 3.59 -5.03 -7.12
C LEU A 164 3.80 -6.23 -6.21
N GLU A 165 3.03 -6.32 -5.13
CA GLU A 165 3.24 -7.38 -4.14
C GLU A 165 2.68 -8.73 -4.58
N ASN A 166 1.66 -8.76 -5.42
CA ASN A 166 0.97 -10.00 -5.71
C ASN A 166 1.05 -10.45 -7.17
N ALA A 167 1.41 -9.57 -8.08
CA ALA A 167 1.57 -9.98 -9.47
C ALA A 167 2.85 -10.78 -9.64
N ASP A 168 2.85 -11.70 -10.61
CA ASP A 168 4.06 -12.47 -10.86
C ASP A 168 5.15 -11.60 -11.46
N CYS A 169 4.78 -10.67 -12.33
CA CYS A 169 5.79 -9.77 -12.89
C CYS A 169 5.16 -8.45 -13.33
N VAL A 170 5.85 -7.35 -13.00
CA VAL A 170 5.40 -6.02 -13.40
C VAL A 170 6.36 -5.45 -14.44
N ILE A 171 5.82 -5.05 -15.58
CA ILE A 171 6.61 -4.53 -16.70
C ILE A 171 6.68 -3.01 -16.61
N VAL A 172 7.90 -2.47 -16.67
CA VAL A 172 8.12 -1.03 -16.77
C VAL A 172 8.60 -0.72 -18.18
N THR A 173 8.27 0.47 -18.67
CA THR A 173 8.58 0.80 -20.06
C THR A 173 9.78 1.75 -20.21
N SER A 174 10.40 2.15 -19.12
CA SER A 174 11.61 2.97 -19.19
C SER A 174 12.29 2.94 -17.84
N PRO A 175 13.60 3.13 -17.78
CA PRO A 175 14.25 3.22 -16.47
C PRO A 175 13.67 4.32 -15.60
N GLN A 176 13.25 5.43 -16.21
CA GLN A 176 12.76 6.55 -15.42
C GLN A 176 11.51 6.18 -14.65
N GLU A 177 10.60 5.41 -15.28
CA GLU A 177 9.40 4.97 -14.56
C GLU A 177 9.74 3.87 -13.55
N GLU A 178 10.73 3.02 -13.82
CA GLU A 178 11.24 2.13 -12.79
C GLU A 178 11.81 2.91 -11.61
N ALA A 179 12.52 3.99 -11.90
CA ALA A 179 13.07 4.79 -10.82
C ALA A 179 11.96 5.41 -9.99
N TYR A 180 10.93 5.91 -10.65
CA TYR A 180 9.80 6.49 -9.94
C TYR A 180 9.12 5.47 -9.05
N LEU A 181 8.82 4.29 -9.62
CA LEU A 181 8.15 3.24 -8.86
C LEU A 181 8.92 2.92 -7.58
N ARG A 182 10.23 2.75 -7.69
CA ARG A 182 11.01 2.34 -6.53
C ARG A 182 11.18 3.49 -5.55
N ARG A 183 11.13 4.73 -6.03
CA ARG A 183 11.28 5.89 -5.16
C ARG A 183 9.99 6.22 -4.42
N TRP A 184 8.87 6.19 -5.14
CA TRP A 184 7.64 6.78 -4.62
C TRP A 184 6.55 5.77 -4.30
N VAL A 185 6.60 4.57 -4.88
CA VAL A 185 5.53 3.60 -4.69
C VAL A 185 5.99 2.46 -3.80
N SER A 186 6.90 1.62 -4.29
CA SER A 186 7.30 0.47 -3.48
C SER A 186 8.51 -0.19 -4.12
N LYS A 187 9.37 -0.77 -3.28
CA LYS A 187 10.50 -1.57 -3.74
C LYS A 187 10.14 -3.03 -3.95
N ALA A 188 8.92 -3.43 -3.62
CA ALA A 188 8.51 -4.81 -3.68
C ALA A 188 8.29 -5.25 -5.13
N GLY A 189 8.26 -6.56 -5.34
CA GLY A 189 7.85 -7.15 -6.61
C GLY A 189 9.00 -7.29 -7.60
N GLN A 190 8.72 -8.02 -8.68
CA GLN A 190 9.66 -8.22 -9.77
C GLN A 190 9.25 -7.31 -10.93
N THR A 191 10.14 -6.41 -11.33
CA THR A 191 9.95 -5.56 -12.48
C THR A 191 10.87 -6.02 -13.61
N ARG A 192 10.41 -5.86 -14.85
CA ARG A 192 11.21 -6.17 -16.02
C ARG A 192 11.07 -5.04 -17.02
N LEU A 193 12.16 -4.73 -17.72
CA LEU A 193 12.19 -3.62 -18.67
C LEU A 193 11.77 -4.13 -20.03
N ILE A 194 10.62 -3.66 -20.51
CA ILE A 194 10.22 -3.82 -21.90
C ILE A 194 9.93 -2.44 -22.46
N PRO A 195 10.84 -1.86 -23.22
CA PRO A 195 10.81 -0.41 -23.45
C PRO A 195 9.73 0.01 -24.42
N CYS A 196 9.20 1.21 -24.16
CA CYS A 196 8.31 1.89 -25.10
C CYS A 196 8.95 1.91 -26.49
N GLY A 197 8.14 1.66 -27.51
CA GLY A 197 8.64 1.73 -28.87
C GLY A 197 7.55 1.40 -29.87
N THR A 198 7.92 1.54 -31.14
CA THR A 198 7.02 1.28 -32.26
C THR A 198 7.31 -0.04 -32.97
N ASN A 199 8.18 -0.88 -32.41
CA ASN A 199 8.47 -2.20 -32.98
C ASN A 199 7.75 -3.24 -32.13
N TRP A 200 6.48 -3.49 -32.49
CA TRP A 200 5.63 -4.36 -31.68
C TRP A 200 5.99 -5.82 -31.83
N GLU A 201 6.50 -6.23 -33.00
CA GLU A 201 7.06 -7.57 -33.08
C GLU A 201 8.13 -7.79 -32.01
N ALA A 202 9.07 -6.83 -31.88
CA ALA A 202 10.12 -7.02 -30.88
C ALA A 202 9.53 -7.11 -29.47
N ILE A 203 8.62 -6.18 -29.14
CA ILE A 203 8.02 -6.17 -27.82
C ILE A 203 7.34 -7.50 -27.53
N ALA A 204 6.55 -7.98 -28.48
CA ALA A 204 5.81 -9.23 -28.29
C ALA A 204 6.74 -10.41 -28.07
N LEU A 205 7.87 -10.44 -28.76
CA LEU A 205 8.83 -11.51 -28.55
C LEU A 205 9.38 -11.49 -27.13
N GLN A 206 9.70 -10.30 -26.62
CA GLN A 206 10.17 -10.22 -25.24
C GLN A 206 9.05 -10.58 -24.26
N MET A 207 7.84 -10.11 -24.51
CA MET A 207 6.71 -10.46 -23.64
C MET A 207 6.42 -11.96 -23.70
N GLY A 208 6.34 -12.51 -24.91
CA GLY A 208 6.16 -13.94 -25.05
C GLY A 208 7.14 -14.74 -24.23
N GLN A 209 8.41 -14.33 -24.26
CA GLN A 209 9.45 -15.04 -23.50
C GLN A 209 9.15 -14.98 -22.01
N LEU A 210 8.69 -13.83 -21.52
CA LEU A 210 8.33 -13.75 -20.12
C LEU A 210 7.19 -14.71 -19.79
N TYR A 211 6.13 -14.68 -20.62
CA TYR A 211 5.02 -15.62 -20.44
C TYR A 211 5.54 -17.05 -20.28
N ARG A 212 6.39 -17.49 -21.20
CA ARG A 212 6.88 -18.86 -21.13
C ARG A 212 7.71 -19.10 -19.88
N GLN A 213 8.56 -18.14 -19.51
CA GLN A 213 9.29 -18.22 -18.24
C GLN A 213 8.34 -18.44 -17.07
N LEU A 214 7.31 -17.60 -16.97
CA LEU A 214 6.30 -17.77 -15.92
C LEU A 214 5.69 -19.18 -15.94
N PHE A 215 5.30 -19.65 -17.12
CA PHE A 215 4.63 -20.95 -17.21
C PHE A 215 5.55 -22.09 -16.79
N ALA A 216 6.83 -22.00 -17.15
CA ALA A 216 7.77 -23.07 -16.83
C ALA A 216 8.10 -23.10 -15.35
N ALA A 217 8.07 -21.96 -14.69
CA ALA A 217 8.32 -21.88 -13.25
C ALA A 217 7.28 -22.62 -12.41
N SER A 218 6.33 -23.34 -13.02
CA SER A 218 5.33 -24.09 -12.26
C SER A 218 5.98 -25.01 -11.23
N LEU A 219 7.15 -25.57 -11.53
CA LEU A 219 7.92 -26.31 -10.54
C LEU A 219 8.31 -25.39 -9.40
N HIS B 3 -22.34 -13.52 -6.43
CA HIS B 3 -23.12 -13.01 -7.55
C HIS B 3 -22.84 -11.52 -7.79
N MET B 4 -23.25 -11.02 -8.94
CA MET B 4 -23.27 -9.59 -9.35
C MET B 4 -21.97 -8.77 -9.21
N ARG B 5 -21.75 -8.07 -8.08
CA ARG B 5 -20.57 -7.20 -7.86
C ARG B 5 -19.78 -7.64 -6.60
N GLN B 6 -18.48 -7.45 -6.67
CA GLN B 6 -17.54 -8.16 -5.80
C GLN B 6 -17.37 -7.67 -4.38
N PRO B 7 -16.36 -6.85 -4.04
CA PRO B 7 -16.07 -6.66 -2.66
C PRO B 7 -17.25 -5.98 -1.92
N ILE B 8 -17.83 -6.66 -0.94
CA ILE B 8 -18.91 -6.03 -0.14
C ILE B 8 -18.46 -5.81 1.30
N ALA B 9 -18.86 -4.69 1.87
CA ALA B 9 -18.52 -4.33 3.23
C ALA B 9 -19.78 -4.35 4.08
N LEU B 10 -19.71 -5.02 5.22
CA LEU B 10 -20.76 -5.01 6.24
C LEU B 10 -20.23 -4.22 7.44
N ILE B 11 -21.02 -3.30 7.99
CA ILE B 11 -20.52 -2.48 9.09
C ILE B 11 -21.47 -2.58 10.27
N SER B 12 -20.90 -2.95 11.43
CA SER B 12 -21.59 -2.99 12.72
C SER B 12 -20.57 -2.44 13.72
N VAL B 13 -20.56 -1.11 13.86
CA VAL B 13 -19.64 -0.45 14.79
C VAL B 13 -19.60 -1.19 16.12
N HIS B 14 -20.77 -1.40 16.73
CA HIS B 14 -20.83 -2.08 18.01
C HIS B 14 -20.70 -3.58 17.84
N ILE B 31 -24.67 -10.02 17.11
CA ILE B 31 -23.85 -10.81 16.19
C ILE B 31 -24.67 -11.02 14.91
N TYR B 32 -25.57 -10.06 14.64
CA TYR B 32 -26.30 -10.05 13.39
C TYR B 32 -25.37 -10.11 12.19
N VAL B 33 -24.36 -9.24 12.19
CA VAL B 33 -23.48 -9.05 11.04
C VAL B 33 -22.57 -10.25 10.85
N ARG B 34 -21.96 -10.75 11.92
CA ARG B 34 -21.04 -11.87 11.78
C ARG B 34 -21.76 -13.10 11.25
N GLN B 35 -22.96 -13.37 11.77
CA GLN B 35 -23.76 -14.47 11.22
C GLN B 35 -24.11 -14.20 9.76
N LEU B 36 -24.62 -13.00 9.46
CA LEU B 36 -25.00 -12.69 8.08
C LEU B 36 -23.80 -12.81 7.15
N GLY B 37 -22.68 -12.16 7.49
CA GLY B 37 -21.52 -12.18 6.61
C GLY B 37 -21.01 -13.56 6.29
N GLU B 38 -20.96 -14.44 7.29
CA GLU B 38 -20.47 -15.81 7.06
C GLU B 38 -21.42 -16.60 6.16
N ALA B 39 -22.73 -16.43 6.36
CA ALA B 39 -23.70 -17.09 5.49
C ALA B 39 -23.67 -16.51 4.08
N LEU B 40 -23.41 -15.21 3.95
CA LEU B 40 -23.29 -14.61 2.62
C LEU B 40 -22.08 -15.16 1.87
N ALA B 41 -20.93 -15.26 2.55
CA ALA B 41 -19.73 -15.80 1.91
C ALA B 41 -19.91 -17.25 1.51
N ALA B 42 -20.57 -18.04 2.38
CA ALA B 42 -20.93 -19.40 2.02
C ALA B 42 -21.73 -19.44 0.71
N ALA B 43 -22.50 -18.40 0.42
CA ALA B 43 -23.27 -18.34 -0.82
C ALA B 43 -22.48 -17.78 -1.99
N GLY B 44 -21.28 -17.24 -1.76
CA GLY B 44 -20.45 -16.78 -2.86
C GLY B 44 -19.92 -15.36 -2.74
N TRP B 45 -20.42 -14.61 -1.75
CA TRP B 45 -20.04 -13.22 -1.63
C TRP B 45 -18.64 -13.11 -1.01
N HIS B 46 -17.85 -12.18 -1.52
CA HIS B 46 -16.61 -11.78 -0.86
C HIS B 46 -16.96 -10.70 0.14
N VAL B 47 -16.83 -11.00 1.44
CA VAL B 47 -17.39 -10.16 2.51
C VAL B 47 -16.29 -9.71 3.47
N ASP B 48 -16.18 -8.39 3.69
CA ASP B 48 -15.41 -7.82 4.79
C ASP B 48 -16.38 -7.15 5.77
N MET B 49 -16.45 -7.64 7.01
CA MET B 49 -17.29 -7.06 8.06
C MET B 49 -16.45 -6.26 9.07
N PHE B 50 -16.90 -5.04 9.39
CA PHE B 50 -16.10 -4.10 10.18
C PHE B 50 -16.81 -3.79 11.49
N THR B 51 -16.06 -3.86 12.59
CA THR B 51 -16.54 -3.46 13.89
C THR B 51 -15.37 -2.76 14.57
N ARG B 52 -15.64 -2.14 15.72
CA ARG B 52 -14.59 -1.40 16.42
C ARG B 52 -13.77 -2.34 17.31
N LYS B 53 -12.52 -1.95 17.53
CA LYS B 53 -11.71 -2.64 18.54
C LYS B 53 -12.22 -2.30 19.93
N THR B 54 -12.34 -3.32 20.78
CA THR B 54 -12.78 -3.15 22.15
C THR B 54 -11.71 -3.58 23.16
N ASP B 55 -10.43 -3.67 22.73
CA ASP B 55 -9.29 -4.09 23.54
C ASP B 55 -8.01 -3.89 22.75
N PRO B 56 -6.94 -3.35 23.35
CA PRO B 56 -5.68 -3.18 22.59
C PRO B 56 -5.02 -4.49 22.18
N ASN B 57 -5.52 -5.63 22.66
CA ASN B 57 -5.00 -6.92 22.24
C ASN B 57 -5.90 -7.61 21.22
N ASP B 58 -6.98 -6.95 20.79
CA ASP B 58 -7.82 -7.51 19.75
C ASP B 58 -7.00 -7.67 18.47
N PRO B 59 -7.14 -8.80 17.78
CA PRO B 59 -6.52 -8.92 16.45
C PRO B 59 -7.16 -7.92 15.49
N ASP B 60 -6.39 -7.49 14.50
CA ASP B 60 -6.93 -6.53 13.55
C ASP B 60 -7.89 -7.19 12.57
N VAL B 61 -7.55 -8.40 12.11
CA VAL B 61 -8.33 -9.12 11.12
C VAL B 61 -8.52 -10.54 11.62
N ILE B 62 -9.74 -11.05 11.49
CA ILE B 62 -10.04 -12.45 11.80
C ILE B 62 -10.64 -13.07 10.54
N GLU B 63 -9.89 -13.98 9.93
CA GLU B 63 -10.32 -14.71 8.75
C GLU B 63 -11.28 -15.83 9.17
N HIS B 64 -12.46 -15.86 8.55
CA HIS B 64 -13.35 -17.00 8.75
C HIS B 64 -13.30 -17.97 7.58
N SER B 65 -13.15 -17.45 6.37
CA SER B 65 -13.21 -18.23 5.13
C SER B 65 -12.29 -17.57 4.13
N PRO B 66 -11.99 -18.23 3.00
CA PRO B 66 -11.13 -17.59 1.98
C PRO B 66 -11.63 -16.22 1.54
N HIS B 67 -12.94 -15.97 1.64
CA HIS B 67 -13.51 -14.71 1.17
C HIS B 67 -14.35 -14.03 2.24
N CYS B 68 -14.08 -14.32 3.52
CA CYS B 68 -14.86 -13.70 4.59
C CYS B 68 -13.96 -13.45 5.78
N ARG B 69 -13.92 -12.20 6.27
CA ARG B 69 -13.15 -11.86 7.46
C ARG B 69 -13.86 -10.74 8.18
N THR B 70 -13.52 -10.61 9.47
CA THR B 70 -13.95 -9.50 10.31
C THR B 70 -12.72 -8.63 10.57
N ILE B 71 -12.88 -7.32 10.42
CA ILE B 71 -11.81 -6.36 10.66
C ILE B 71 -12.24 -5.49 11.82
N ARG B 72 -11.38 -5.40 12.85
CA ARG B 72 -11.64 -4.62 14.05
C ARG B 72 -10.85 -3.33 13.94
N LEU B 73 -11.56 -2.20 13.83
CA LEU B 73 -10.95 -0.90 13.58
C LEU B 73 -10.74 -0.18 14.91
N GLN B 74 -9.53 0.35 15.12
CA GLN B 74 -9.33 1.18 16.29
C GLN B 74 -10.04 2.51 16.05
N ALA B 75 -10.96 2.85 16.95
CA ALA B 75 -11.82 4.00 16.70
C ALA B 75 -12.47 4.41 18.01
N GLY B 76 -11.75 5.19 18.81
CA GLY B 76 -12.17 5.48 20.15
C GLY B 76 -11.44 4.55 21.10
N PRO B 77 -11.72 4.70 22.40
CA PRO B 77 -11.01 3.92 23.41
C PRO B 77 -11.03 2.43 23.12
N LEU B 78 -9.87 1.80 23.29
CA LEU B 78 -9.76 0.36 23.14
C LEU B 78 -10.36 -0.34 24.37
N THR B 79 -11.65 -0.07 24.59
CA THR B 79 -12.42 -0.73 25.61
C THR B 79 -13.85 -0.92 25.10
N TYR B 80 -14.61 -1.75 25.80
CA TYR B 80 -16.01 -1.83 25.49
C TYR B 80 -16.68 -0.51 25.79
N ILE B 81 -17.58 -0.11 24.89
CA ILE B 81 -18.37 1.11 25.03
C ILE B 81 -19.78 0.72 24.57
N PRO B 82 -20.79 0.94 25.39
CA PRO B 82 -22.17 0.60 24.99
C PRO B 82 -22.67 1.56 23.92
N ARG B 83 -23.79 1.17 23.32
CA ARG B 83 -24.27 1.87 22.14
C ARG B 83 -24.65 3.32 22.43
N GLU B 84 -25.17 3.61 23.62
CA GLU B 84 -25.58 4.98 23.96
C GLU B 84 -24.41 5.93 24.13
N LYS B 85 -23.17 5.44 24.09
CA LYS B 85 -21.98 6.29 24.14
C LYS B 85 -21.11 6.14 22.90
N LEU B 86 -21.62 5.56 21.80
CA LEU B 86 -20.72 5.31 20.68
C LEU B 86 -20.72 6.42 19.63
N PHE B 87 -21.73 7.28 19.64
CA PHE B 87 -21.89 8.28 18.59
C PHE B 87 -20.63 9.12 18.42
N GLU B 88 -20.00 9.53 19.51
CA GLU B 88 -18.86 10.43 19.32
C GLU B 88 -17.63 9.71 18.79
N THR B 89 -17.64 8.38 18.69
CA THR B 89 -16.53 7.61 18.13
C THR B 89 -16.63 7.42 16.62
N LEU B 90 -17.75 7.81 16.01
CA LEU B 90 -18.10 7.53 14.64
C LEU B 90 -17.20 8.25 13.64
N PRO B 91 -16.80 9.52 13.88
CA PRO B 91 -15.83 10.12 12.96
C PRO B 91 -14.52 9.36 12.89
N LYS B 92 -14.04 8.82 14.01
CA LYS B 92 -12.85 7.96 14.01
C LYS B 92 -13.09 6.72 13.18
N PHE B 93 -14.28 6.12 13.32
CA PHE B 93 -14.56 4.89 12.58
C PHE B 93 -14.62 5.15 11.08
N VAL B 94 -15.22 6.27 10.68
CA VAL B 94 -15.28 6.59 9.25
C VAL B 94 -13.88 6.69 8.66
N GLU B 95 -12.98 7.40 9.36
CA GLU B 95 -11.60 7.54 8.91
C GLU B 95 -10.90 6.19 8.81
N ALA B 96 -11.01 5.35 9.84
CA ALA B 96 -10.35 4.05 9.81
C ALA B 96 -10.92 3.17 8.71
N PHE B 97 -12.19 3.36 8.35
CA PHE B 97 -12.80 2.55 7.30
C PHE B 97 -12.38 3.03 5.92
N LYS B 98 -12.23 4.34 5.73
CA LYS B 98 -11.82 4.87 4.43
C LYS B 98 -10.48 4.32 3.97
N ALA B 99 -9.60 3.93 4.91
CA ALA B 99 -8.34 3.32 4.51
C ALA B 99 -8.55 1.97 3.86
N TYR B 100 -9.51 1.18 4.36
CA TYR B 100 -9.85 -0.08 3.71
C TYR B 100 -10.62 0.15 2.43
N HIS B 101 -11.58 1.09 2.46
CA HIS B 101 -12.40 1.39 1.31
C HIS B 101 -11.61 1.99 0.16
N ALA B 102 -10.57 2.77 0.48
CA ALA B 102 -9.74 3.35 -0.55
C ALA B 102 -9.14 2.27 -1.44
N LYS B 103 -8.78 1.12 -0.85
CA LYS B 103 -8.18 0.01 -1.60
C LYS B 103 -9.25 -0.85 -2.27
N TYR B 104 -10.23 -1.30 -1.48
CA TYR B 104 -11.17 -2.31 -1.94
C TYR B 104 -12.35 -1.73 -2.70
N GLY B 105 -12.58 -0.41 -2.62
CA GLY B 105 -13.64 0.27 -3.33
C GLY B 105 -14.99 -0.44 -3.33
N TYR B 106 -15.49 -0.80 -2.14
CA TYR B 106 -16.65 -1.67 -2.03
C TYR B 106 -17.85 -1.11 -2.80
N PRO B 107 -18.35 -1.82 -3.82
CA PRO B 107 -19.54 -1.34 -4.54
C PRO B 107 -20.82 -1.40 -3.72
N LEU B 108 -20.81 -2.10 -2.61
CA LEU B 108 -22.00 -2.25 -1.80
C LEU B 108 -21.54 -2.31 -0.36
N ILE B 109 -22.11 -1.43 0.46
CA ILE B 109 -21.82 -1.36 1.88
C ILE B 109 -23.15 -1.56 2.60
N HIS B 110 -23.20 -2.51 3.53
CA HIS B 110 -24.43 -2.81 4.27
C HIS B 110 -24.18 -2.48 5.74
N THR B 111 -24.86 -1.44 6.25
CA THR B 111 -24.70 -1.01 7.62
C THR B 111 -25.80 -1.57 8.52
N ASN B 112 -25.47 -1.72 9.80
CA ASN B 112 -26.31 -2.37 10.79
C ASN B 112 -26.50 -1.44 11.97
N TYR B 113 -27.76 -1.16 12.31
CA TYR B 113 -28.18 -0.24 13.37
C TYR B 113 -27.85 1.21 13.04
N TRP B 114 -28.60 2.17 13.63
CA TRP B 114 -28.49 3.56 13.19
C TRP B 114 -27.07 4.10 13.31
N LEU B 115 -26.30 3.63 14.30
CA LEU B 115 -24.95 4.14 14.53
C LEU B 115 -24.05 3.85 13.33
N SER B 116 -24.00 2.60 12.90
CA SER B 116 -23.31 2.29 11.66
C SER B 116 -23.91 3.05 10.47
N GLY B 117 -25.21 3.39 10.55
CA GLY B 117 -25.86 4.08 9.45
C GLY B 117 -25.40 5.50 9.25
N TRP B 118 -25.10 6.20 10.34
CA TRP B 118 -24.39 7.47 10.23
C TRP B 118 -23.08 7.30 9.46
N VAL B 119 -22.34 6.24 9.76
CA VAL B 119 -21.10 5.96 9.02
C VAL B 119 -21.38 5.81 7.53
N GLY B 120 -22.36 4.97 7.19
CA GLY B 120 -22.73 4.84 5.79
C GLY B 120 -23.22 6.14 5.19
N TRP B 121 -23.90 6.98 5.99
CA TRP B 121 -24.42 8.22 5.45
C TRP B 121 -23.27 9.19 5.13
N GLN B 122 -22.30 9.29 6.03
CA GLN B 122 -21.09 10.06 5.71
C GLN B 122 -20.40 9.50 4.46
N LEU B 123 -20.33 8.18 4.37
CA LEU B 123 -19.68 7.56 3.21
C LEU B 123 -20.44 7.85 1.92
N ARG B 124 -21.77 7.74 1.95
CA ARG B 124 -22.57 7.89 0.74
C ARG B 124 -22.52 9.31 0.18
N GLN B 125 -22.36 10.32 1.04
CA GLN B 125 -22.29 11.69 0.54
C GLN B 125 -21.02 11.94 -0.27
N GLN B 126 -20.02 11.06 -0.16
CA GLN B 126 -18.74 11.23 -0.82
C GLN B 126 -18.47 10.20 -1.90
N PHE B 127 -18.95 8.96 -1.74
CA PHE B 127 -18.75 7.91 -2.72
C PHE B 127 -20.09 7.41 -3.24
N ASN B 128 -20.09 6.89 -4.46
CA ASN B 128 -21.24 6.21 -5.05
C ASN B 128 -21.10 4.71 -4.82
N PHE B 129 -22.03 4.15 -4.05
CA PHE B 129 -22.07 2.72 -3.80
C PHE B 129 -23.51 2.34 -3.52
N GLN B 130 -23.79 1.04 -3.57
CA GLN B 130 -25.12 0.57 -3.20
C GLN B 130 -25.16 0.44 -1.69
N TRP B 131 -26.08 1.17 -1.06
CA TRP B 131 -26.13 1.29 0.39
C TRP B 131 -27.40 0.61 0.89
N LEU B 132 -27.23 -0.48 1.64
CA LEU B 132 -28.33 -1.11 2.34
C LEU B 132 -28.10 -0.93 3.82
N HIS B 133 -29.19 -0.97 4.56
CA HIS B 133 -29.11 -0.74 5.99
C HIS B 133 -30.17 -1.55 6.71
N THR B 134 -29.77 -2.17 7.80
CA THR B 134 -30.66 -2.98 8.62
C THR B 134 -31.01 -2.19 9.87
N TYR B 135 -32.31 -1.90 10.02
CA TYR B 135 -32.88 -1.22 11.19
C TYR B 135 -33.04 -2.17 12.38
N HIS B 136 -32.83 -1.64 13.59
CA HIS B 136 -33.20 -2.33 14.82
C HIS B 136 -33.69 -1.35 15.87
N SER B 137 -34.72 -1.73 16.59
CA SER B 137 -35.19 -0.97 17.73
C SER B 137 -34.44 -1.39 19.00
N ARG B 152 -29.80 12.38 22.86
CA ARG B 152 -29.60 11.09 22.21
C ARG B 152 -30.78 10.72 21.31
N ASP B 153 -32.01 10.92 21.81
CA ASP B 153 -33.18 10.63 20.99
C ASP B 153 -33.24 11.56 19.78
N GLU B 154 -32.86 12.83 19.96
CA GLU B 154 -32.95 13.77 18.86
C GLU B 154 -31.94 13.43 17.77
N THR B 155 -30.74 13.02 18.19
CA THR B 155 -29.70 12.57 17.26
C THR B 155 -30.15 11.32 16.51
N ARG B 156 -30.59 10.29 17.23
CA ARG B 156 -31.04 9.06 16.59
C ARG B 156 -32.13 9.32 15.55
N LEU B 157 -33.15 10.10 15.93
CA LEU B 157 -34.27 10.39 15.03
C LEU B 157 -33.82 11.13 13.78
N MET B 158 -32.93 12.11 13.92
CA MET B 158 -32.47 12.84 12.74
C MET B 158 -31.68 11.93 11.81
N VAL B 159 -30.81 11.11 12.40
CA VAL B 159 -29.98 10.21 11.60
C VAL B 159 -30.83 9.14 10.95
N GLU B 160 -31.73 8.53 11.71
CA GLU B 160 -32.64 7.53 11.15
C GLU B 160 -33.45 8.08 9.98
N LYS B 161 -33.89 9.34 10.07
CA LYS B 161 -34.56 9.95 8.92
C LYS B 161 -33.62 10.07 7.73
N ALA B 162 -32.40 10.56 7.94
CA ALA B 162 -31.50 10.73 6.80
C ALA B 162 -31.18 9.39 6.13
N ILE B 163 -31.12 8.31 6.89
CA ILE B 163 -30.83 7.01 6.27
C ILE B 163 -32.02 6.54 5.46
N LEU B 164 -33.23 6.64 6.01
CA LEU B 164 -34.40 6.28 5.21
C LEU B 164 -34.46 7.11 3.93
N GLU B 165 -34.04 8.38 4.00
CA GLU B 165 -34.12 9.24 2.81
C GLU B 165 -33.09 8.87 1.74
N ASN B 166 -31.91 8.42 2.15
CA ASN B 166 -30.79 8.31 1.22
C ASN B 166 -30.30 6.88 0.98
N ALA B 167 -30.56 5.94 1.89
CA ALA B 167 -30.13 4.58 1.64
C ALA B 167 -30.99 3.98 0.54
N ASP B 168 -30.39 3.08 -0.25
CA ASP B 168 -31.11 2.45 -1.34
C ASP B 168 -32.18 1.49 -0.82
N CYS B 169 -31.93 0.87 0.33
CA CYS B 169 -32.92 -0.03 0.91
C CYS B 169 -32.63 -0.23 2.38
N VAL B 170 -33.66 -0.11 3.20
CA VAL B 170 -33.57 -0.35 4.64
C VAL B 170 -34.27 -1.66 4.95
N ILE B 171 -33.58 -2.54 5.66
CA ILE B 171 -34.16 -3.82 6.06
C ILE B 171 -34.75 -3.70 7.46
N VAL B 172 -35.98 -4.19 7.62
CA VAL B 172 -36.62 -4.31 8.93
C VAL B 172 -36.76 -5.79 9.26
N THR B 173 -36.66 -6.11 10.55
CA THR B 173 -36.63 -7.52 10.93
C THR B 173 -37.97 -8.03 11.47
N SER B 174 -38.94 -7.15 11.74
CA SER B 174 -40.27 -7.59 12.12
C SER B 174 -41.30 -6.59 11.62
N PRO B 175 -42.54 -7.01 11.39
CA PRO B 175 -43.59 -6.04 11.08
C PRO B 175 -43.82 -5.02 12.18
N GLN B 176 -43.58 -5.37 13.45
CA GLN B 176 -43.76 -4.40 14.51
C GLN B 176 -42.72 -3.29 14.43
N GLU B 177 -41.49 -3.62 14.03
CA GLU B 177 -40.46 -2.58 13.90
C GLU B 177 -40.65 -1.76 12.63
N GLU B 178 -41.22 -2.35 11.57
CA GLU B 178 -41.67 -1.54 10.44
C GLU B 178 -42.79 -0.60 10.86
N ALA B 179 -43.69 -1.07 11.72
CA ALA B 179 -44.83 -0.23 12.09
C ALA B 179 -44.39 0.94 12.94
N TYR B 180 -43.50 0.68 13.90
CA TYR B 180 -42.96 1.79 14.69
C TYR B 180 -42.24 2.78 13.78
N LEU B 181 -41.44 2.26 12.84
CA LEU B 181 -40.62 3.13 11.99
C LEU B 181 -41.48 4.13 11.24
N ARG B 182 -42.53 3.64 10.58
CA ARG B 182 -43.36 4.54 9.78
C ARG B 182 -44.20 5.44 10.70
N ARG B 183 -44.56 4.95 11.87
CA ARG B 183 -45.41 5.73 12.78
C ARG B 183 -44.62 6.83 13.48
N TRP B 184 -43.39 6.55 13.92
CA TRP B 184 -42.67 7.48 14.78
C TRP B 184 -41.43 8.11 14.15
N VAL B 185 -40.82 7.51 13.13
CA VAL B 185 -39.59 8.06 12.55
C VAL B 185 -39.86 8.73 11.19
N SER B 186 -40.25 7.97 10.18
CA SER B 186 -40.53 8.55 8.88
C SER B 186 -41.21 7.48 8.04
N LYS B 187 -41.97 7.95 7.06
CA LYS B 187 -42.57 7.08 6.05
C LYS B 187 -41.74 7.07 4.75
N ALA B 188 -40.56 7.69 4.77
CA ALA B 188 -39.76 7.82 3.57
C ALA B 188 -38.96 6.55 3.31
N GLY B 189 -38.52 6.40 2.06
CA GLY B 189 -37.60 5.34 1.68
C GLY B 189 -38.26 3.99 1.50
N GLN B 190 -37.48 3.07 0.93
CA GLN B 190 -37.88 1.70 0.67
C GLN B 190 -37.44 0.81 1.82
N THR B 191 -38.38 0.05 2.39
CA THR B 191 -38.06 -0.94 3.41
C THR B 191 -38.45 -2.33 2.93
N ARG B 192 -37.69 -3.32 3.37
CA ARG B 192 -37.92 -4.72 3.02
C ARG B 192 -37.82 -5.57 4.28
N LEU B 193 -38.70 -6.56 4.37
CA LEU B 193 -38.82 -7.39 5.55
C LEU B 193 -37.91 -8.61 5.38
N ILE B 194 -36.85 -8.68 6.18
CA ILE B 194 -36.04 -9.88 6.34
C ILE B 194 -36.06 -10.27 7.81
N PRO B 195 -36.81 -11.31 8.17
CA PRO B 195 -37.14 -11.54 9.58
C PRO B 195 -35.95 -12.08 10.36
N CYS B 196 -35.89 -11.67 11.62
CA CYS B 196 -34.88 -12.21 12.53
C CYS B 196 -35.17 -13.68 12.79
N GLY B 197 -34.13 -14.50 12.68
CA GLY B 197 -34.33 -15.93 12.86
C GLY B 197 -32.99 -16.62 12.99
N THR B 198 -33.06 -17.93 13.20
CA THR B 198 -31.89 -18.76 13.38
C THR B 198 -31.36 -19.34 12.06
N ASN B 199 -32.08 -19.13 10.95
CA ASN B 199 -31.75 -19.75 9.67
C ASN B 199 -30.99 -18.74 8.82
N TRP B 200 -29.70 -18.62 9.09
CA TRP B 200 -28.87 -17.63 8.42
C TRP B 200 -28.66 -17.95 6.95
N GLU B 201 -28.66 -19.23 6.58
CA GLU B 201 -28.65 -19.53 5.16
C GLU B 201 -29.82 -18.85 4.45
N ALA B 202 -31.02 -18.96 5.04
CA ALA B 202 -32.22 -18.34 4.45
C ALA B 202 -32.07 -16.83 4.35
N ILE B 203 -31.64 -16.21 5.45
CA ILE B 203 -31.45 -14.76 5.48
C ILE B 203 -30.49 -14.34 4.38
N ALA B 204 -29.32 -14.98 4.32
CA ALA B 204 -28.32 -14.62 3.30
C ALA B 204 -28.87 -14.74 1.90
N LEU B 205 -29.67 -15.77 1.64
CA LEU B 205 -30.19 -15.98 0.29
C LEU B 205 -31.11 -14.84 -0.13
N GLN B 206 -31.92 -14.33 0.81
CA GLN B 206 -32.78 -13.19 0.50
C GLN B 206 -31.97 -11.90 0.42
N MET B 207 -30.99 -11.76 1.31
CA MET B 207 -30.15 -10.57 1.27
C MET B 207 -29.35 -10.49 -0.03
N GLY B 208 -28.72 -11.61 -0.43
CA GLY B 208 -28.00 -11.62 -1.69
C GLY B 208 -28.90 -11.26 -2.86
N GLN B 209 -30.13 -11.78 -2.85
CA GLN B 209 -31.10 -11.43 -3.89
C GLN B 209 -31.40 -9.93 -3.89
N LEU B 210 -31.51 -9.31 -2.70
CA LEU B 210 -31.64 -7.86 -2.65
C LEU B 210 -30.42 -7.20 -3.28
N TYR B 211 -29.22 -7.63 -2.88
CA TYR B 211 -28.00 -7.05 -3.44
C TYR B 211 -28.04 -7.06 -4.97
N ARG B 212 -28.35 -8.22 -5.56
CA ARG B 212 -28.35 -8.33 -7.02
C ARG B 212 -29.36 -7.39 -7.66
N GLN B 213 -30.56 -7.28 -7.09
CA GLN B 213 -31.56 -6.35 -7.60
C GLN B 213 -31.01 -4.93 -7.66
N LEU B 214 -30.34 -4.50 -6.60
CA LEU B 214 -29.76 -3.16 -6.60
C LEU B 214 -28.61 -3.08 -7.60
N PHE B 215 -27.77 -4.12 -7.68
CA PHE B 215 -26.72 -4.16 -8.68
C PHE B 215 -27.32 -4.16 -10.08
N ALA B 216 -28.40 -4.90 -10.29
CA ALA B 216 -29.03 -4.89 -11.62
C ALA B 216 -29.59 -3.51 -11.94
N ALA B 217 -30.29 -2.91 -10.98
CA ALA B 217 -30.97 -1.65 -11.21
C ALA B 217 -30.01 -0.47 -11.21
N SER B 218 -28.74 -0.71 -11.59
CA SER B 218 -27.83 0.39 -11.88
C SER B 218 -28.30 1.23 -13.06
N LEU B 219 -29.15 0.67 -13.92
CA LEU B 219 -29.78 1.43 -15.00
C LEU B 219 -31.11 2.02 -14.51
N GLN C 6 1.14 -25.67 23.47
CA GLN C 6 1.00 -24.24 23.70
C GLN C 6 1.56 -23.50 22.48
N PRO C 7 1.25 -22.19 22.34
CA PRO C 7 1.71 -21.44 21.15
C PRO C 7 3.18 -21.60 20.80
N ILE C 8 3.46 -22.01 19.55
CA ILE C 8 4.84 -22.02 19.06
C ILE C 8 5.02 -20.82 18.14
N ALA C 9 6.29 -20.44 17.95
CA ALA C 9 6.65 -19.30 17.13
C ALA C 9 7.40 -19.73 15.87
N LEU C 10 6.93 -19.25 14.72
CA LEU C 10 7.64 -19.34 13.45
C LEU C 10 8.09 -17.95 13.02
N ILE C 11 9.29 -17.83 12.48
CA ILE C 11 9.84 -16.51 12.17
C ILE C 11 10.34 -16.47 10.74
N SER C 12 9.84 -15.51 9.96
CA SER C 12 10.32 -15.27 8.59
C SER C 12 10.43 -13.75 8.46
N VAL C 13 11.60 -13.21 8.80
CA VAL C 13 11.81 -11.76 8.80
C VAL C 13 11.23 -11.15 7.53
N HIS C 14 11.60 -11.72 6.38
CA HIS C 14 11.12 -11.25 5.09
C HIS C 14 9.70 -11.73 4.78
N ILE C 31 6.79 -18.23 1.10
CA ILE C 31 5.50 -18.68 1.59
C ILE C 31 5.73 -19.91 2.48
N TYR C 32 7.00 -20.26 2.68
CA TYR C 32 7.36 -21.43 3.49
C TYR C 32 6.71 -21.37 4.86
N VAL C 33 6.98 -20.30 5.60
CA VAL C 33 6.42 -20.22 6.95
C VAL C 33 4.91 -20.09 6.89
N ARG C 34 4.39 -19.33 5.92
CA ARG C 34 2.95 -19.13 5.85
C ARG C 34 2.21 -20.45 5.64
N GLN C 35 2.70 -21.29 4.73
CA GLN C 35 2.05 -22.57 4.52
C GLN C 35 2.36 -23.54 5.65
N LEU C 36 3.59 -23.54 6.16
CA LEU C 36 3.96 -24.50 7.19
C LEU C 36 3.17 -24.25 8.48
N GLY C 37 2.95 -22.98 8.83
CA GLY C 37 2.20 -22.67 10.03
C GLY C 37 0.73 -23.04 9.91
N GLU C 38 0.14 -22.76 8.76
CA GLU C 38 -1.26 -23.12 8.57
C GLU C 38 -1.44 -24.64 8.54
N ALA C 39 -0.52 -25.34 7.89
CA ALA C 39 -0.60 -26.80 7.89
C ALA C 39 -0.43 -27.34 9.30
N LEU C 40 0.50 -26.76 10.06
CA LEU C 40 0.69 -27.20 11.44
C LEU C 40 -0.53 -26.89 12.28
N ALA C 41 -1.14 -25.73 12.05
CA ALA C 41 -2.35 -25.36 12.78
C ALA C 41 -3.45 -26.37 12.49
N ALA C 42 -3.63 -26.72 11.21
CA ALA C 42 -4.62 -27.72 10.82
C ALA C 42 -4.34 -29.06 11.48
N ALA C 43 -3.08 -29.34 11.82
CA ALA C 43 -2.75 -30.54 12.56
C ALA C 43 -3.08 -30.44 14.04
N GLY C 44 -3.36 -29.24 14.54
CA GLY C 44 -3.69 -29.03 15.94
C GLY C 44 -2.69 -28.18 16.70
N TRP C 45 -1.63 -27.70 16.07
CA TRP C 45 -0.70 -26.81 16.74
C TRP C 45 -1.31 -25.41 16.91
N HIS C 46 -0.83 -24.70 17.91
CA HIS C 46 -1.13 -23.28 18.11
C HIS C 46 0.09 -22.49 17.67
N VAL C 47 -0.06 -21.67 16.62
CA VAL C 47 1.09 -21.18 15.86
C VAL C 47 0.99 -19.67 15.72
N ASP C 48 2.04 -18.97 16.16
CA ASP C 48 2.25 -17.55 15.92
C ASP C 48 3.40 -17.39 14.92
N MET C 49 3.10 -16.87 13.74
CA MET C 49 4.08 -16.58 12.70
C MET C 49 4.42 -15.10 12.75
N PHE C 50 5.72 -14.80 12.77
CA PHE C 50 6.20 -13.44 12.89
C PHE C 50 6.92 -13.03 11.61
N THR C 51 6.64 -11.81 11.14
CA THR C 51 7.35 -11.20 10.04
C THR C 51 7.35 -9.68 10.26
N ARG C 52 8.00 -8.95 9.37
CA ARG C 52 8.19 -7.52 9.57
C ARG C 52 7.08 -6.72 8.87
N LYS C 53 6.72 -5.58 9.48
CA LYS C 53 5.80 -4.65 8.84
C LYS C 53 6.49 -3.97 7.66
N THR C 54 5.80 -3.91 6.52
CA THR C 54 6.30 -3.27 5.31
C THR C 54 5.46 -2.07 4.87
N ASP C 55 4.53 -1.61 5.69
CA ASP C 55 3.64 -0.51 5.31
C ASP C 55 3.03 0.04 6.57
N PRO C 56 2.90 1.36 6.71
CA PRO C 56 2.28 1.90 7.93
C PRO C 56 0.87 1.35 8.18
N ASN C 57 0.13 1.07 7.11
CA ASN C 57 -1.24 0.58 7.20
C ASN C 57 -1.35 -0.91 7.51
N ASP C 58 -0.23 -1.60 7.72
CA ASP C 58 -0.29 -3.04 7.93
C ASP C 58 -0.93 -3.36 9.28
N PRO C 59 -1.81 -4.36 9.35
CA PRO C 59 -2.35 -4.80 10.63
C PRO C 59 -1.29 -5.47 11.50
N ASP C 60 -1.39 -5.25 12.82
CA ASP C 60 -0.47 -5.91 13.75
C ASP C 60 -0.68 -7.44 13.76
N VAL C 61 -1.93 -7.89 13.80
CA VAL C 61 -2.25 -9.30 14.04
C VAL C 61 -3.38 -9.72 13.10
N ILE C 62 -3.13 -10.72 12.26
CA ILE C 62 -4.16 -11.35 11.43
C ILE C 62 -4.38 -12.76 11.93
N GLU C 63 -5.60 -13.05 12.41
CA GLU C 63 -5.96 -14.40 12.80
C GLU C 63 -6.44 -15.16 11.56
N HIS C 64 -5.74 -16.22 11.21
CA HIS C 64 -6.19 -17.08 10.12
C HIS C 64 -7.15 -18.14 10.62
N SER C 65 -6.98 -18.60 11.84
CA SER C 65 -7.84 -19.58 12.46
C SER C 65 -7.73 -19.39 13.97
N PRO C 66 -8.59 -20.05 14.76
CA PRO C 66 -8.59 -19.80 16.22
C PRO C 66 -7.23 -19.88 16.91
N HIS C 67 -6.29 -20.70 16.43
CA HIS C 67 -5.00 -20.84 17.08
C HIS C 67 -3.84 -20.63 16.12
N CYS C 68 -4.01 -19.77 15.11
CA CYS C 68 -2.95 -19.55 14.12
C CYS C 68 -3.09 -18.14 13.59
N ARG C 69 -2.03 -17.35 13.73
CA ARG C 69 -2.09 -15.94 13.38
C ARG C 69 -0.74 -15.43 12.88
N THR C 70 -0.79 -14.38 12.08
CA THR C 70 0.38 -13.69 11.56
C THR C 70 0.56 -12.38 12.31
N ILE C 71 1.74 -12.17 12.88
CA ILE C 71 2.07 -10.95 13.62
C ILE C 71 3.13 -10.20 12.83
N ARG C 72 2.80 -8.98 12.42
CA ARG C 72 3.71 -8.12 11.68
C ARG C 72 4.34 -7.11 12.64
N LEU C 73 5.66 -7.19 12.79
CA LEU C 73 6.38 -6.43 13.79
C LEU C 73 6.98 -5.15 13.21
N GLN C 74 6.94 -4.07 13.98
CA GLN C 74 7.65 -2.86 13.58
C GLN C 74 9.13 -3.07 13.80
N ALA C 75 9.88 -3.23 12.71
CA ALA C 75 11.26 -3.70 12.78
C ALA C 75 12.02 -3.06 11.61
N GLY C 76 12.52 -1.85 11.85
CA GLY C 76 13.12 -1.06 10.78
C GLY C 76 12.03 -0.31 10.02
N PRO C 77 12.41 0.28 8.89
CA PRO C 77 11.47 1.12 8.14
C PRO C 77 10.15 0.40 7.83
N LEU C 78 9.06 1.16 7.90
CA LEU C 78 7.73 0.65 7.60
C LEU C 78 7.49 0.61 6.08
N THR C 79 8.36 -0.11 5.38
CA THR C 79 8.33 -0.17 3.92
C THR C 79 9.00 -1.48 3.50
N TYR C 80 8.87 -1.81 2.21
CA TYR C 80 9.44 -3.06 1.73
C TYR C 80 10.95 -2.92 1.57
N ILE C 81 11.67 -3.92 2.06
CA ILE C 81 13.13 -3.97 2.01
C ILE C 81 13.56 -5.37 1.57
N PRO C 82 14.22 -5.54 0.43
CA PRO C 82 14.58 -6.89 -0.02
C PRO C 82 15.56 -7.56 0.93
N ARG C 83 15.68 -8.88 0.79
CA ARG C 83 16.38 -9.64 1.82
C ARG C 83 17.85 -9.27 1.92
N GLU C 84 18.47 -8.82 0.82
CA GLU C 84 19.88 -8.45 0.90
C GLU C 84 20.11 -7.06 1.51
N LYS C 85 19.06 -6.39 2.00
CA LYS C 85 19.21 -5.18 2.80
C LYS C 85 18.55 -5.29 4.16
N LEU C 86 18.11 -6.49 4.56
CA LEU C 86 17.41 -6.67 5.81
C LEU C 86 18.35 -6.88 7.00
N PHE C 87 19.62 -7.23 6.75
CA PHE C 87 20.52 -7.57 7.84
C PHE C 87 20.56 -6.48 8.91
N GLU C 88 20.61 -5.22 8.49
CA GLU C 88 20.75 -4.12 9.48
C GLU C 88 19.49 -3.93 10.31
N THR C 89 18.34 -4.41 9.84
CA THR C 89 17.08 -4.33 10.59
C THR C 89 16.98 -5.37 11.70
N LEU C 90 17.84 -6.39 11.70
CA LEU C 90 17.64 -7.50 12.62
C LEU C 90 17.68 -7.11 14.10
N PRO C 91 18.54 -6.17 14.55
CA PRO C 91 18.45 -5.78 15.97
C PRO C 91 17.06 -5.28 16.34
N LYS C 92 16.43 -4.48 15.48
CA LYS C 92 15.10 -4.00 15.80
C LYS C 92 14.07 -5.13 15.75
N PHE C 93 14.27 -6.12 14.86
CA PHE C 93 13.39 -7.29 14.84
C PHE C 93 13.48 -8.07 16.14
N VAL C 94 14.69 -8.38 16.59
CA VAL C 94 14.88 -9.07 17.87
C VAL C 94 14.14 -8.35 18.98
N GLU C 95 14.33 -7.02 19.07
CA GLU C 95 13.67 -6.22 20.10
C GLU C 95 12.15 -6.30 19.98
N ALA C 96 11.61 -6.22 18.76
CA ALA C 96 10.17 -6.33 18.58
C ALA C 96 9.66 -7.69 19.00
N PHE C 97 10.30 -8.76 18.52
CA PHE C 97 9.87 -10.11 18.88
C PHE C 97 9.96 -10.32 20.40
N LYS C 98 11.07 -9.90 21.01
CA LYS C 98 11.28 -10.01 22.46
C LYS C 98 10.04 -9.60 23.25
N ALA C 99 9.38 -8.54 22.83
CA ALA C 99 8.15 -8.10 23.49
C ALA C 99 7.10 -9.21 23.54
N TYR C 100 6.80 -9.83 22.39
CA TYR C 100 5.82 -10.90 22.37
C TYR C 100 6.30 -12.13 23.12
N HIS C 101 7.58 -12.48 22.98
CA HIS C 101 8.10 -13.65 23.69
C HIS C 101 7.98 -13.47 25.19
N ALA C 102 8.25 -12.25 25.69
CA ALA C 102 8.09 -11.96 27.11
C ALA C 102 6.71 -12.37 27.60
N LYS C 103 5.67 -11.94 26.89
CA LYS C 103 4.31 -12.34 27.24
C LYS C 103 4.16 -13.85 27.17
N TYR C 104 4.32 -14.43 25.98
CA TYR C 104 3.88 -15.79 25.71
C TYR C 104 4.91 -16.86 26.08
N GLY C 105 6.20 -16.53 26.06
CA GLY C 105 7.24 -17.49 26.41
C GLY C 105 7.24 -18.74 25.54
N TYR C 106 7.38 -18.56 24.22
CA TYR C 106 7.32 -19.68 23.29
C TYR C 106 8.34 -20.75 23.64
N PRO C 107 7.93 -22.01 23.78
CA PRO C 107 8.89 -23.08 24.09
C PRO C 107 9.59 -23.62 22.86
N LEU C 108 9.09 -23.28 21.67
CA LEU C 108 9.67 -23.67 20.40
C LEU C 108 9.63 -22.45 19.49
N ILE C 109 10.78 -22.13 18.90
CA ILE C 109 10.91 -21.07 17.91
C ILE C 109 11.55 -21.67 16.68
N HIS C 110 10.91 -21.48 15.53
CA HIS C 110 11.37 -22.04 14.26
C HIS C 110 11.64 -20.90 13.31
N THR C 111 12.93 -20.60 13.09
CA THR C 111 13.32 -19.54 12.18
C THR C 111 13.52 -20.07 10.77
N ASN C 112 13.39 -19.18 9.80
CA ASN C 112 13.43 -19.53 8.38
C ASN C 112 14.39 -18.58 7.66
N TYR C 113 15.41 -19.17 7.03
CA TYR C 113 16.45 -18.48 6.27
C TYR C 113 17.42 -17.79 7.21
N TRP C 114 18.67 -17.63 6.79
CA TRP C 114 19.71 -17.26 7.77
C TRP C 114 19.41 -15.92 8.44
N LEU C 115 18.71 -15.01 7.77
CA LEU C 115 18.37 -13.74 8.41
C LEU C 115 17.43 -13.95 9.59
N SER C 116 16.50 -14.89 9.48
CA SER C 116 15.65 -15.17 10.63
C SER C 116 16.41 -15.91 11.72
N GLY C 117 17.37 -16.77 11.33
CA GLY C 117 18.10 -17.52 12.34
C GLY C 117 18.90 -16.64 13.30
N TRP C 118 19.38 -15.49 12.81
CA TRP C 118 19.95 -14.46 13.68
C TRP C 118 19.10 -14.21 14.92
N VAL C 119 17.78 -14.12 14.74
CA VAL C 119 16.89 -13.81 15.86
C VAL C 119 16.93 -14.93 16.88
N GLY C 120 16.80 -16.17 16.42
CA GLY C 120 16.93 -17.29 17.34
C GLY C 120 18.29 -17.33 18.00
N TRP C 121 19.33 -16.97 17.25
CA TRP C 121 20.69 -17.00 17.79
C TRP C 121 20.80 -15.99 18.93
N GLN C 122 20.25 -14.79 18.76
CA GLN C 122 20.29 -13.81 19.83
C GLN C 122 19.41 -14.24 21.00
N LEU C 123 18.21 -14.77 20.72
CA LEU C 123 17.33 -15.17 21.80
C LEU C 123 17.90 -16.33 22.60
N ARG C 124 18.57 -17.27 21.93
CA ARG C 124 19.08 -18.44 22.64
C ARG C 124 20.12 -18.04 23.67
N GLN C 125 20.79 -16.90 23.47
CA GLN C 125 21.68 -16.37 24.49
C GLN C 125 20.93 -15.85 25.71
N GLN C 126 19.62 -15.61 25.60
CA GLN C 126 18.82 -14.99 26.65
C GLN C 126 17.70 -15.87 27.20
N PHE C 127 17.17 -16.80 26.39
CA PHE C 127 16.00 -17.58 26.78
C PHE C 127 16.21 -19.06 26.47
N ASN C 128 15.38 -19.89 27.09
CA ASN C 128 15.40 -21.34 26.89
C ASN C 128 14.21 -21.74 26.01
N PHE C 129 14.51 -22.43 24.91
CA PHE C 129 13.49 -22.88 23.98
C PHE C 129 14.13 -23.85 22.99
N GLN C 130 13.33 -24.77 22.47
CA GLN C 130 13.76 -25.58 21.33
C GLN C 130 13.89 -24.66 20.11
N TRP C 131 15.06 -24.67 19.48
CA TRP C 131 15.33 -23.78 18.36
C TRP C 131 15.44 -24.61 17.08
N LEU C 132 14.42 -24.51 16.23
CA LEU C 132 14.42 -25.13 14.93
C LEU C 132 14.75 -24.09 13.86
N HIS C 133 15.44 -24.53 12.81
CA HIS C 133 15.75 -23.59 11.74
C HIS C 133 15.71 -24.30 10.40
N THR C 134 15.18 -23.62 9.39
CA THR C 134 15.18 -24.16 8.03
C THR C 134 16.17 -23.38 7.16
N TYR C 135 17.11 -24.10 6.56
CA TYR C 135 18.07 -23.49 5.64
C TYR C 135 17.50 -23.37 4.24
N HIS C 136 17.91 -22.32 3.53
CA HIS C 136 17.62 -22.17 2.12
C HIS C 136 18.85 -21.62 1.42
N SER C 137 19.20 -22.19 0.27
CA SER C 137 20.27 -21.59 -0.52
C SER C 137 19.77 -20.32 -1.22
N ARG C 152 28.65 -9.66 2.51
CA ARG C 152 27.51 -10.56 2.55
C ARG C 152 27.97 -12.00 2.84
N ASP C 153 29.08 -12.42 2.22
CA ASP C 153 29.46 -13.83 2.27
C ASP C 153 29.98 -14.23 3.63
N GLU C 154 30.96 -13.49 4.17
CA GLU C 154 31.53 -13.92 5.44
C GLU C 154 30.52 -13.77 6.57
N THR C 155 29.71 -12.72 6.51
CA THR C 155 28.66 -12.56 7.51
C THR C 155 27.65 -13.70 7.42
N ARG C 156 27.04 -13.88 6.24
CA ARG C 156 26.11 -14.99 6.04
C ARG C 156 26.69 -16.30 6.55
N LEU C 157 27.93 -16.61 6.16
CA LEU C 157 28.52 -17.89 6.55
C LEU C 157 28.79 -17.95 8.04
N MET C 158 29.21 -16.83 8.65
CA MET C 158 29.42 -16.84 10.08
C MET C 158 28.12 -17.13 10.81
N VAL C 159 27.04 -16.47 10.40
CA VAL C 159 25.73 -16.71 11.04
C VAL C 159 25.27 -18.13 10.76
N GLU C 160 25.46 -18.58 9.53
CA GLU C 160 25.11 -19.96 9.21
C GLU C 160 25.89 -20.93 10.09
N LYS C 161 27.20 -20.72 10.24
CA LYS C 161 27.99 -21.57 11.12
C LYS C 161 27.41 -21.61 12.52
N ALA C 162 27.09 -20.43 13.08
CA ALA C 162 26.58 -20.37 14.44
C ALA C 162 25.23 -21.07 14.59
N ILE C 163 24.37 -20.98 13.58
CA ILE C 163 23.07 -21.64 13.70
C ILE C 163 23.25 -23.16 13.72
N LEU C 164 24.05 -23.69 12.79
CA LEU C 164 24.34 -25.12 12.79
C LEU C 164 24.93 -25.58 14.12
N GLU C 165 25.72 -24.72 14.79
CA GLU C 165 26.37 -25.13 16.03
C GLU C 165 25.50 -24.97 17.27
N ASN C 166 24.49 -24.12 17.23
CA ASN C 166 23.72 -23.83 18.44
C ASN C 166 22.23 -24.19 18.33
N ALA C 167 21.71 -24.44 17.13
CA ALA C 167 20.32 -24.84 17.00
C ALA C 167 20.14 -26.32 17.32
N ASP C 168 18.96 -26.64 17.83
CA ASP C 168 18.67 -28.03 18.16
C ASP C 168 18.50 -28.89 16.93
N CYS C 169 18.05 -28.31 15.82
CA CYS C 169 17.98 -29.01 14.56
C CYS C 169 17.92 -27.99 13.43
N VAL C 170 18.50 -28.34 12.30
CA VAL C 170 18.39 -27.54 11.10
C VAL C 170 17.72 -28.39 10.03
N ILE C 171 16.68 -27.85 9.41
CA ILE C 171 15.93 -28.51 8.35
C ILE C 171 16.53 -28.08 7.02
N VAL C 172 16.75 -29.06 6.12
CA VAL C 172 17.11 -28.80 4.73
C VAL C 172 16.02 -29.44 3.88
N THR C 173 15.83 -28.90 2.68
CA THR C 173 14.72 -29.33 1.83
C THR C 173 15.17 -30.19 0.65
N SER C 174 16.48 -30.43 0.51
CA SER C 174 17.07 -31.22 -0.58
C SER C 174 18.33 -31.91 -0.07
N PRO C 175 18.66 -33.09 -0.60
CA PRO C 175 19.99 -33.68 -0.33
C PRO C 175 21.14 -32.79 -0.79
N GLN C 176 20.96 -32.01 -1.86
CA GLN C 176 22.00 -31.09 -2.31
C GLN C 176 22.36 -30.10 -1.20
N GLU C 177 21.32 -29.52 -0.56
CA GLU C 177 21.60 -28.50 0.45
C GLU C 177 22.32 -29.09 1.66
N GLU C 178 21.90 -30.28 2.09
CA GLU C 178 22.55 -30.93 3.23
C GLU C 178 24.03 -31.17 2.94
N ALA C 179 24.35 -31.59 1.72
CA ALA C 179 25.74 -31.81 1.36
C ALA C 179 26.52 -30.50 1.34
N TYR C 180 25.96 -29.48 0.69
CA TYR C 180 26.53 -28.14 0.75
C TYR C 180 26.81 -27.71 2.18
N LEU C 181 25.79 -27.80 3.05
CA LEU C 181 25.98 -27.35 4.43
C LEU C 181 27.16 -28.05 5.08
N ARG C 182 27.26 -29.37 4.88
CA ARG C 182 28.29 -30.13 5.58
C ARG C 182 29.67 -29.89 4.98
N ARG C 183 29.75 -29.60 3.68
CA ARG C 183 31.05 -29.40 3.07
C ARG C 183 31.56 -27.98 3.18
N TRP C 184 30.65 -27.00 3.23
CA TRP C 184 31.03 -25.61 3.10
C TRP C 184 30.70 -24.74 4.31
N VAL C 185 30.02 -25.27 5.32
CA VAL C 185 29.61 -24.45 6.46
C VAL C 185 30.08 -25.10 7.75
N SER C 186 29.50 -26.25 8.09
CA SER C 186 29.80 -26.87 9.36
C SER C 186 29.42 -28.34 9.34
N LYS C 187 30.25 -29.17 9.96
CA LYS C 187 29.87 -30.54 10.26
C LYS C 187 29.18 -30.68 11.60
N ALA C 188 29.13 -29.62 12.39
CA ALA C 188 28.46 -29.67 13.70
C ALA C 188 26.94 -29.65 13.53
N GLY C 189 26.24 -29.74 14.66
CA GLY C 189 24.80 -29.60 14.66
C GLY C 189 24.09 -30.80 14.05
N GLN C 190 22.77 -30.71 14.04
CA GLN C 190 21.91 -31.79 13.60
C GLN C 190 21.09 -31.32 12.41
N THR C 191 21.02 -32.13 11.37
CA THR C 191 20.24 -31.82 10.19
C THR C 191 19.09 -32.80 10.05
N ARG C 192 18.00 -32.34 9.41
CA ARG C 192 16.89 -33.20 9.02
C ARG C 192 16.40 -32.80 7.65
N LEU C 193 16.17 -33.79 6.81
CA LEU C 193 15.67 -33.56 5.46
C LEU C 193 14.16 -33.60 5.49
N ILE C 194 13.52 -32.51 5.09
CA ILE C 194 12.08 -32.46 4.92
C ILE C 194 11.88 -32.13 3.45
N PRO C 195 11.83 -33.14 2.58
CA PRO C 195 11.82 -32.89 1.13
C PRO C 195 10.80 -31.82 0.77
N CYS C 196 11.18 -30.93 -0.13
CA CYS C 196 10.25 -29.89 -0.51
C CYS C 196 9.15 -30.50 -1.37
N GLY C 197 8.11 -29.72 -1.58
CA GLY C 197 6.91 -30.20 -2.24
C GLY C 197 5.70 -29.47 -1.71
N THR C 198 4.60 -29.59 -2.45
CA THR C 198 3.36 -28.91 -2.17
C THR C 198 2.46 -29.68 -1.19
N ASN C 199 2.85 -30.88 -0.80
CA ASN C 199 2.05 -31.71 0.12
C ASN C 199 2.29 -31.23 1.56
N TRP C 200 1.73 -30.05 1.86
CA TRP C 200 2.02 -29.40 3.14
C TRP C 200 1.44 -30.18 4.32
N GLU C 201 0.34 -30.91 4.12
CA GLU C 201 -0.15 -31.78 5.19
C GLU C 201 0.92 -32.80 5.58
N ALA C 202 1.53 -33.43 4.59
CA ALA C 202 2.64 -34.34 4.85
C ALA C 202 3.82 -33.61 5.49
N ILE C 203 4.16 -32.42 4.97
CA ILE C 203 5.27 -31.68 5.55
C ILE C 203 5.02 -31.41 7.03
N ALA C 204 3.79 -30.97 7.34
CA ALA C 204 3.42 -30.68 8.72
C ALA C 204 3.52 -31.92 9.61
N LEU C 205 3.11 -33.08 9.10
CA LEU C 205 3.19 -34.28 9.94
C LEU C 205 4.63 -34.64 10.27
N GLN C 206 5.56 -34.42 9.33
CA GLN C 206 6.96 -34.66 9.64
C GLN C 206 7.53 -33.56 10.52
N MET C 207 7.09 -32.31 10.31
CA MET C 207 7.56 -31.23 11.17
C MET C 207 7.10 -31.43 12.60
N GLY C 208 5.81 -31.72 12.79
CA GLY C 208 5.29 -31.91 14.13
C GLY C 208 5.91 -33.08 14.85
N GLN C 209 6.22 -34.16 14.11
CA GLN C 209 6.94 -35.26 14.75
C GLN C 209 8.34 -34.82 15.17
N LEU C 210 9.01 -34.03 14.34
CA LEU C 210 10.31 -33.48 14.74
C LEU C 210 10.15 -32.62 16.00
N TYR C 211 9.13 -31.74 16.01
CA TYR C 211 8.88 -30.92 17.19
C TYR C 211 8.74 -31.77 18.44
N ARG C 212 7.90 -32.82 18.36
CA ARG C 212 7.62 -33.62 19.53
C ARG C 212 8.87 -34.37 19.99
N GLN C 213 9.63 -34.93 19.05
CA GLN C 213 10.89 -35.59 19.39
C GLN C 213 11.81 -34.64 20.16
N LEU C 214 11.96 -33.41 19.67
CA LEU C 214 12.80 -32.43 20.36
C LEU C 214 12.21 -32.04 21.70
N PHE C 215 10.90 -31.78 21.74
CA PHE C 215 10.23 -31.46 23.01
C PHE C 215 10.51 -32.53 24.05
N ALA C 216 10.21 -33.78 23.71
CA ALA C 216 10.31 -34.90 24.63
C ALA C 216 11.74 -35.36 24.87
N ALA C 217 12.69 -34.95 24.02
CA ALA C 217 14.11 -35.12 24.31
C ALA C 217 14.71 -33.83 24.87
N SER C 218 14.15 -33.40 26.00
CA SER C 218 14.48 -32.12 26.63
C SER C 218 15.68 -32.19 27.58
N LEU C 219 16.35 -33.35 27.68
CA LEU C 219 17.51 -33.47 28.55
C LEU C 219 18.57 -34.36 27.92
N GLN D 6 24.08 43.30 -5.37
CA GLN D 6 23.64 43.68 -4.03
C GLN D 6 23.12 42.42 -3.33
N PRO D 7 22.96 42.43 -2.00
CA PRO D 7 22.90 41.16 -1.25
C PRO D 7 21.70 40.30 -1.64
N ILE D 8 21.96 39.00 -1.73
CA ILE D 8 20.93 38.01 -2.06
C ILE D 8 20.71 37.12 -0.85
N ALA D 9 19.57 36.47 -0.82
CA ALA D 9 19.20 35.58 0.28
C ALA D 9 19.04 34.17 -0.23
N LEU D 10 19.65 33.23 0.48
CA LEU D 10 19.51 31.81 0.27
C LEU D 10 18.87 31.22 1.51
N ILE D 11 17.81 30.44 1.34
CA ILE D 11 17.03 29.94 2.45
C ILE D 11 17.00 28.42 2.43
N SER D 12 17.34 27.80 3.55
CA SER D 12 17.15 26.37 3.79
C SER D 12 16.67 26.25 5.23
N VAL D 13 15.35 26.26 5.42
CA VAL D 13 14.76 26.22 6.77
C VAL D 13 15.45 25.15 7.63
N HIS D 14 15.67 23.97 7.04
CA HIS D 14 16.30 22.87 7.77
C HIS D 14 17.82 22.99 7.72
N ILE D 31 23.46 20.80 3.19
CA ILE D 31 24.78 21.30 2.84
C ILE D 31 24.76 21.86 1.43
N TYR D 32 23.60 21.81 0.77
CA TYR D 32 23.48 22.39 -0.56
C TYR D 32 23.65 23.90 -0.52
N VAL D 33 22.92 24.55 0.39
CA VAL D 33 22.90 26.01 0.44
C VAL D 33 24.24 26.55 0.95
N ARG D 34 24.80 25.93 1.98
CA ARG D 34 26.04 26.45 2.54
C ARG D 34 27.17 26.35 1.52
N GLN D 35 27.21 25.26 0.76
CA GLN D 35 28.20 25.11 -0.30
C GLN D 35 27.96 26.11 -1.42
N LEU D 36 26.73 26.19 -1.91
CA LEU D 36 26.41 27.12 -3.00
C LEU D 36 26.60 28.56 -2.56
N GLY D 37 26.21 28.90 -1.34
CA GLY D 37 26.37 30.27 -0.87
C GLY D 37 27.82 30.70 -0.80
N GLU D 38 28.67 29.85 -0.22
CA GLU D 38 30.08 30.21 -0.09
C GLU D 38 30.78 30.20 -1.44
N ALA D 39 30.36 29.33 -2.37
CA ALA D 39 30.89 29.40 -3.73
C ALA D 39 30.45 30.69 -4.43
N LEU D 40 29.21 31.13 -4.21
CA LEU D 40 28.75 32.38 -4.82
C LEU D 40 29.52 33.57 -4.26
N ALA D 41 29.75 33.59 -2.95
CA ALA D 41 30.54 34.66 -2.34
C ALA D 41 31.93 34.74 -2.96
N ALA D 42 32.52 33.58 -3.27
CA ALA D 42 33.88 33.56 -3.82
C ALA D 42 33.94 34.27 -5.17
N ALA D 43 32.85 34.25 -5.93
CA ALA D 43 32.81 34.85 -7.26
C ALA D 43 32.36 36.31 -7.22
N GLY D 44 32.12 36.87 -6.04
CA GLY D 44 31.77 38.28 -5.90
C GLY D 44 30.36 38.56 -5.41
N TRP D 45 29.53 37.57 -5.10
CA TRP D 45 28.20 37.87 -4.60
C TRP D 45 28.23 38.13 -3.09
N HIS D 46 27.37 39.05 -2.67
CA HIS D 46 27.07 39.25 -1.25
C HIS D 46 25.90 38.34 -0.88
N VAL D 47 26.15 37.37 0.00
CA VAL D 47 25.23 36.26 0.21
C VAL D 47 24.86 36.16 1.69
N ASP D 48 23.56 36.20 1.98
CA ASP D 48 23.02 35.89 3.31
C ASP D 48 22.25 34.57 3.24
N MET D 49 22.71 33.58 4.00
CA MET D 49 22.12 32.25 4.03
C MET D 49 21.33 32.07 5.32
N PHE D 50 20.05 31.72 5.21
CA PHE D 50 19.14 31.68 6.35
C PHE D 50 18.72 30.26 6.66
N THR D 51 18.84 29.88 7.93
CA THR D 51 18.32 28.62 8.42
C THR D 51 17.77 28.87 9.82
N ARG D 52 17.05 27.88 10.35
CA ARG D 52 16.38 28.04 11.64
C ARG D 52 17.34 27.76 12.79
N LYS D 53 17.07 28.40 13.93
CA LYS D 53 17.86 28.12 15.12
C LYS D 53 17.39 26.82 15.75
N THR D 54 18.35 25.97 16.15
CA THR D 54 18.02 24.69 16.80
C THR D 54 18.62 24.59 18.19
N ASP D 55 19.19 25.68 18.72
CA ASP D 55 19.60 25.69 20.12
C ASP D 55 19.60 27.12 20.61
N PRO D 56 19.16 27.37 21.85
CA PRO D 56 19.08 28.77 22.32
C PRO D 56 20.43 29.44 22.45
N ASN D 57 21.53 28.68 22.37
CA ASN D 57 22.88 29.22 22.36
C ASN D 57 23.42 29.43 20.96
N ASP D 58 22.68 29.03 19.93
CA ASP D 58 23.12 29.22 18.56
C ASP D 58 23.43 30.69 18.30
N PRO D 59 24.52 31.00 17.62
CA PRO D 59 24.76 32.40 17.24
C PRO D 59 23.74 32.85 16.20
N ASP D 60 23.29 34.10 16.33
CA ASP D 60 22.39 34.67 15.34
C ASP D 60 23.06 34.77 13.98
N VAL D 61 24.28 35.31 13.94
CA VAL D 61 24.97 35.66 12.70
C VAL D 61 26.41 35.13 12.75
N ILE D 62 26.76 34.31 11.76
CA ILE D 62 28.14 33.87 11.54
C ILE D 62 28.61 34.44 10.21
N GLU D 63 29.70 35.21 10.25
CA GLU D 63 30.33 35.78 9.06
C GLU D 63 31.43 34.83 8.61
N HIS D 64 31.21 34.18 7.46
CA HIS D 64 32.23 33.35 6.84
C HIS D 64 33.25 34.18 6.07
N SER D 65 32.81 35.30 5.51
CA SER D 65 33.63 36.20 4.72
C SER D 65 32.99 37.58 4.76
N PRO D 66 33.71 38.64 4.36
CA PRO D 66 33.12 39.98 4.32
C PRO D 66 31.78 40.05 3.60
N HIS D 67 31.51 39.10 2.72
CA HIS D 67 30.34 39.14 1.84
C HIS D 67 29.37 37.98 2.07
N CYS D 68 29.54 37.18 3.13
CA CYS D 68 28.86 35.89 3.19
C CYS D 68 28.57 35.53 4.64
N ARG D 69 27.29 35.35 4.97
CA ARG D 69 26.87 35.10 6.34
C ARG D 69 25.84 33.99 6.40
N THR D 70 25.87 33.23 7.49
CA THR D 70 24.78 32.34 7.84
C THR D 70 24.01 33.02 8.97
N ILE D 71 22.71 33.19 8.77
CA ILE D 71 21.84 33.79 9.76
C ILE D 71 20.90 32.71 10.27
N ARG D 72 20.89 32.51 11.58
CA ARG D 72 20.01 31.52 12.19
C ARG D 72 18.85 32.24 12.87
N LEU D 73 17.65 31.96 12.40
CA LEU D 73 16.43 32.67 12.82
C LEU D 73 15.72 31.94 13.94
N GLN D 74 15.19 32.69 14.91
CA GLN D 74 14.25 32.12 15.87
C GLN D 74 12.91 31.88 15.17
N ALA D 75 12.64 30.63 14.89
CA ALA D 75 11.56 30.24 13.99
C ALA D 75 10.93 28.98 14.58
N GLY D 76 10.14 29.16 15.64
CA GLY D 76 9.59 28.02 16.33
C GLY D 76 10.52 27.54 17.43
N PRO D 77 10.30 26.34 17.95
CA PRO D 77 11.08 25.88 19.11
C PRO D 77 12.58 25.89 18.87
N LEU D 78 13.31 26.22 19.93
CA LEU D 78 14.77 26.40 19.88
C LEU D 78 15.48 25.06 20.09
N THR D 79 15.19 24.13 19.19
CA THR D 79 15.67 22.76 19.30
C THR D 79 15.60 22.15 17.90
N TYR D 80 16.20 20.97 17.76
CA TYR D 80 16.22 20.31 16.46
C TYR D 80 14.86 19.71 16.16
N ILE D 81 14.40 19.92 14.92
CA ILE D 81 13.12 19.41 14.46
C ILE D 81 13.31 18.81 13.07
N PRO D 82 12.99 17.54 12.85
CA PRO D 82 13.20 16.93 11.52
C PRO D 82 12.31 17.56 10.46
N ARG D 83 12.71 17.33 9.20
CA ARG D 83 12.01 17.93 8.06
C ARG D 83 10.53 17.58 8.06
N GLU D 84 10.18 16.35 8.47
CA GLU D 84 8.78 15.94 8.50
C GLU D 84 7.96 16.71 9.54
N LYS D 85 8.59 17.46 10.44
CA LYS D 85 7.83 18.23 11.43
C LYS D 85 8.05 19.74 11.32
N LEU D 86 8.69 20.19 10.25
CA LEU D 86 9.03 21.60 10.10
C LEU D 86 7.89 22.42 9.49
N PHE D 87 6.89 21.78 8.86
CA PHE D 87 5.89 22.52 8.10
C PHE D 87 5.18 23.55 8.98
N GLU D 88 4.84 23.15 10.20
CA GLU D 88 4.09 24.04 11.08
C GLU D 88 4.94 25.16 11.67
N THR D 89 6.27 25.12 11.50
CA THR D 89 7.12 26.24 11.91
C THR D 89 7.26 27.31 10.85
N LEU D 90 6.83 27.03 9.60
CA LEU D 90 7.07 27.97 8.51
C LEU D 90 6.45 29.35 8.72
N PRO D 91 5.22 29.49 9.25
CA PRO D 91 4.72 30.86 9.51
C PRO D 91 5.66 31.70 10.36
N LYS D 92 6.22 31.11 11.42
CA LYS D 92 7.16 31.88 12.24
C LYS D 92 8.49 32.09 11.54
N PHE D 93 8.90 31.17 10.67
CA PHE D 93 10.11 31.38 9.90
C PHE D 93 9.96 32.57 8.97
N VAL D 94 8.82 32.65 8.28
CA VAL D 94 8.49 33.81 7.46
C VAL D 94 8.52 35.08 8.31
N GLU D 95 7.92 35.03 9.50
CA GLU D 95 7.96 36.19 10.41
C GLU D 95 9.39 36.62 10.69
N ALA D 96 10.25 35.68 11.07
CA ALA D 96 11.61 36.02 11.45
C ALA D 96 12.43 36.50 10.27
N PHE D 97 12.18 35.95 9.07
CA PHE D 97 12.94 36.38 7.90
C PHE D 97 12.60 37.82 7.54
N LYS D 98 11.30 38.16 7.53
CA LYS D 98 10.87 39.49 7.13
C LYS D 98 11.56 40.61 7.88
N ALA D 99 12.06 40.34 9.09
CA ALA D 99 12.84 41.36 9.81
C ALA D 99 14.17 41.66 9.13
N TYR D 100 14.84 40.64 8.59
CA TYR D 100 16.09 40.89 7.88
C TYR D 100 15.81 41.48 6.49
N HIS D 101 14.77 40.98 5.83
CA HIS D 101 14.38 41.51 4.53
C HIS D 101 13.99 42.99 4.62
N ALA D 102 13.36 43.38 5.73
CA ALA D 102 13.09 44.80 5.95
C ALA D 102 14.39 45.60 5.93
N LYS D 103 15.44 45.06 6.56
CA LYS D 103 16.71 45.74 6.68
C LYS D 103 17.53 45.70 5.38
N TYR D 104 17.59 44.55 4.71
CA TYR D 104 18.46 44.42 3.54
C TYR D 104 17.71 44.38 2.21
N GLY D 105 16.43 44.00 2.19
CA GLY D 105 15.64 44.05 0.97
C GLY D 105 16.16 43.23 -0.20
N TYR D 106 16.69 42.03 0.09
CA TYR D 106 17.17 41.07 -0.90
C TYR D 106 16.34 41.09 -2.18
N PRO D 107 16.90 41.60 -3.28
CA PRO D 107 16.17 41.59 -4.54
C PRO D 107 16.15 40.21 -5.19
N LEU D 108 16.95 39.28 -4.70
CA LEU D 108 16.93 37.89 -5.15
C LEU D 108 16.87 36.99 -3.92
N ILE D 109 15.94 36.05 -3.94
CA ILE D 109 15.77 35.06 -2.89
C ILE D 109 15.78 33.70 -3.55
N HIS D 110 16.64 32.81 -3.05
CA HIS D 110 16.79 31.46 -3.60
C HIS D 110 16.51 30.49 -2.48
N THR D 111 15.42 29.75 -2.59
CA THR D 111 15.02 28.84 -1.55
C THR D 111 15.41 27.41 -1.92
N ASN D 112 15.44 26.54 -0.92
CA ASN D 112 15.94 25.19 -1.11
C ASN D 112 15.04 24.18 -0.42
N TYR D 113 14.53 23.23 -1.19
CA TYR D 113 13.59 22.19 -0.75
C TYR D 113 12.22 22.82 -0.50
N TRP D 114 11.15 22.03 -0.65
CA TRP D 114 9.82 22.60 -0.74
C TRP D 114 9.43 23.35 0.53
N LEU D 115 10.02 22.99 1.68
CA LEU D 115 9.71 23.69 2.92
C LEU D 115 10.22 25.13 2.87
N SER D 116 11.37 25.35 2.24
CA SER D 116 11.86 26.71 2.13
C SER D 116 11.17 27.47 1.01
N GLY D 117 10.75 26.78 -0.05
CA GLY D 117 10.00 27.45 -1.11
C GLY D 117 8.71 28.06 -0.61
N TRP D 118 8.07 27.42 0.37
CA TRP D 118 6.93 28.01 1.06
C TRP D 118 7.25 29.40 1.57
N VAL D 119 8.45 29.59 2.12
CA VAL D 119 8.83 30.93 2.57
C VAL D 119 8.82 31.90 1.38
N GLY D 120 9.41 31.48 0.26
CA GLY D 120 9.39 32.33 -0.91
C GLY D 120 8.01 32.56 -1.46
N TRP D 121 7.16 31.52 -1.38
CA TRP D 121 5.79 31.63 -1.86
C TRP D 121 5.05 32.76 -1.14
N GLN D 122 5.19 32.78 0.18
CA GLN D 122 4.49 33.78 1.00
C GLN D 122 5.06 35.18 0.79
N LEU D 123 6.39 35.29 0.78
CA LEU D 123 7.01 36.59 0.56
C LEU D 123 6.64 37.15 -0.80
N ARG D 124 6.44 36.25 -1.77
CA ARG D 124 6.21 36.68 -3.15
C ARG D 124 4.93 37.50 -3.29
N GLN D 125 3.98 37.35 -2.37
CA GLN D 125 2.76 38.13 -2.47
C GLN D 125 2.83 39.47 -1.74
N GLN D 126 3.89 39.71 -0.97
CA GLN D 126 4.08 41.00 -0.32
C GLN D 126 5.28 41.78 -0.84
N PHE D 127 6.23 41.11 -1.49
CA PHE D 127 7.48 41.72 -1.92
C PHE D 127 7.83 41.22 -3.31
N ASN D 128 8.52 42.07 -4.06
CA ASN D 128 8.92 41.74 -5.42
C ASN D 128 10.42 41.48 -5.43
N PHE D 129 10.78 40.28 -5.84
CA PHE D 129 12.16 39.85 -5.93
C PHE D 129 12.22 38.81 -7.02
N GLN D 130 13.44 38.54 -7.50
CA GLN D 130 13.65 37.38 -8.36
C GLN D 130 13.70 36.14 -7.47
N TRP D 131 12.85 35.18 -7.75
CA TRP D 131 12.71 34.01 -6.90
C TRP D 131 13.16 32.76 -7.65
N LEU D 132 14.22 32.14 -7.15
CA LEU D 132 14.75 30.87 -7.64
C LEU D 132 14.58 29.82 -6.57
N HIS D 133 14.36 28.58 -6.98
CA HIS D 133 14.13 27.53 -6.00
C HIS D 133 14.77 26.24 -6.47
N THR D 134 15.43 25.54 -5.58
CA THR D 134 16.04 24.25 -5.92
C THR D 134 15.17 23.13 -5.38
N TYR D 135 14.65 22.30 -6.30
CA TYR D 135 13.91 21.09 -5.95
C TYR D 135 14.83 19.98 -5.49
N HIS D 136 14.38 19.22 -4.50
CA HIS D 136 15.03 17.97 -4.09
C HIS D 136 13.96 16.93 -3.80
N SER D 137 14.07 15.76 -4.42
CA SER D 137 13.21 14.65 -4.04
C SER D 137 13.58 14.15 -2.64
N ARG D 152 -0.62 15.09 3.93
CA ARG D 152 0.81 15.39 3.88
C ARG D 152 1.28 15.44 2.44
N ASP D 153 1.23 14.29 1.75
CA ASP D 153 1.64 14.23 0.35
C ASP D 153 0.92 15.29 -0.47
N GLU D 154 -0.39 15.47 -0.24
CA GLU D 154 -1.11 16.52 -0.95
C GLU D 154 -0.55 17.90 -0.58
N THR D 155 -0.24 18.11 0.70
CA THR D 155 0.31 19.40 1.11
C THR D 155 1.61 19.68 0.37
N ARG D 156 2.57 18.75 0.44
CA ARG D 156 3.81 18.89 -0.32
C ARG D 156 3.53 19.14 -1.79
N LEU D 157 2.68 18.32 -2.41
CA LEU D 157 2.44 18.48 -3.84
C LEU D 157 1.77 19.80 -4.17
N MET D 158 0.90 20.32 -3.29
CA MET D 158 0.26 21.58 -3.61
C MET D 158 1.27 22.72 -3.55
N VAL D 159 2.11 22.72 -2.51
CA VAL D 159 3.17 23.71 -2.42
C VAL D 159 4.14 23.55 -3.60
N GLU D 160 4.41 22.31 -3.99
CA GLU D 160 5.31 22.14 -5.12
C GLU D 160 4.70 22.74 -6.38
N LYS D 161 3.42 22.47 -6.64
CA LYS D 161 2.73 23.06 -7.78
C LYS D 161 2.81 24.57 -7.75
N ALA D 162 2.50 25.17 -6.59
CA ALA D 162 2.51 26.62 -6.49
C ALA D 162 3.89 27.21 -6.76
N ILE D 163 4.96 26.51 -6.36
CA ILE D 163 6.29 27.09 -6.58
C ILE D 163 6.63 27.09 -8.07
N LEU D 164 6.43 25.95 -8.73
CA LEU D 164 6.65 25.85 -10.17
C LEU D 164 5.88 26.93 -10.91
N GLU D 165 4.62 27.14 -10.54
CA GLU D 165 3.80 28.14 -11.21
C GLU D 165 4.25 29.57 -10.93
N ASN D 166 4.89 29.82 -9.78
CA ASN D 166 5.12 31.20 -9.37
C ASN D 166 6.58 31.58 -9.23
N ALA D 167 7.47 30.63 -8.97
CA ALA D 167 8.90 30.93 -8.96
C ALA D 167 9.34 31.41 -10.34
N ASP D 168 10.35 32.30 -10.35
CA ASP D 168 10.93 32.69 -11.62
C ASP D 168 11.64 31.52 -12.30
N CYS D 169 12.21 30.61 -11.51
CA CYS D 169 12.93 29.47 -12.04
C CYS D 169 13.09 28.42 -10.94
N VAL D 170 12.95 27.15 -11.31
CA VAL D 170 13.26 26.05 -10.41
C VAL D 170 14.46 25.29 -10.96
N ILE D 171 15.47 25.08 -10.09
CA ILE D 171 16.65 24.28 -10.41
C ILE D 171 16.40 22.83 -10.00
N VAL D 172 16.78 21.89 -10.88
CA VAL D 172 16.81 20.47 -10.53
C VAL D 172 18.23 19.97 -10.71
N THR D 173 18.61 18.95 -9.95
CA THR D 173 19.98 18.49 -9.98
C THR D 173 20.16 17.10 -10.60
N SER D 174 19.09 16.50 -11.15
CA SER D 174 19.22 15.26 -11.90
C SER D 174 18.15 15.20 -12.98
N PRO D 175 18.44 14.56 -14.12
CA PRO D 175 17.37 14.31 -15.11
C PRO D 175 16.19 13.60 -14.51
N GLN D 176 16.45 12.66 -13.59
CA GLN D 176 15.40 11.91 -12.92
C GLN D 176 14.41 12.84 -12.21
N GLU D 177 14.91 13.85 -11.52
CA GLU D 177 14.02 14.71 -10.77
C GLU D 177 13.25 15.66 -11.68
N GLU D 178 13.87 16.10 -12.78
CA GLU D 178 13.17 16.90 -13.78
C GLU D 178 11.98 16.14 -14.34
N ALA D 179 12.19 14.88 -14.72
CA ALA D 179 11.10 14.07 -15.25
C ALA D 179 9.99 13.91 -14.23
N TYR D 180 10.34 13.53 -13.01
CA TYR D 180 9.38 13.46 -11.92
C TYR D 180 8.54 14.73 -11.84
N LEU D 181 9.20 15.90 -11.91
CA LEU D 181 8.48 17.15 -11.72
C LEU D 181 7.44 17.38 -12.81
N ARG D 182 7.82 17.11 -14.06
CA ARG D 182 6.97 17.39 -15.22
C ARG D 182 5.87 16.36 -15.36
N ARG D 183 6.10 15.18 -14.83
CA ARG D 183 5.15 14.06 -14.95
C ARG D 183 4.19 14.02 -13.77
N TRP D 184 4.64 14.44 -12.59
CA TRP D 184 3.84 14.25 -11.39
C TRP D 184 3.50 15.55 -10.65
N VAL D 185 4.17 16.65 -10.95
CA VAL D 185 3.89 17.89 -10.22
C VAL D 185 3.22 18.90 -11.14
N SER D 186 3.94 19.43 -12.12
CA SER D 186 3.33 20.41 -13.01
C SER D 186 4.19 20.61 -14.25
N LYS D 187 3.52 20.94 -15.36
CA LYS D 187 4.20 21.37 -16.58
C LYS D 187 4.40 22.87 -16.66
N ALA D 188 3.83 23.64 -15.74
CA ALA D 188 4.05 25.08 -15.74
C ALA D 188 5.44 25.40 -15.20
N GLY D 189 5.85 26.66 -15.37
CA GLY D 189 7.08 27.16 -14.80
C GLY D 189 8.30 26.77 -15.61
N GLN D 190 9.44 27.29 -15.17
CA GLN D 190 10.72 27.01 -15.80
C GLN D 190 11.53 26.08 -14.92
N THR D 191 12.30 25.19 -15.55
CA THR D 191 13.26 24.36 -14.85
C THR D 191 14.60 24.51 -15.53
N ARG D 192 15.67 24.55 -14.72
CA ARG D 192 17.03 24.45 -15.24
C ARG D 192 17.72 23.30 -14.56
N LEU D 193 18.44 22.49 -15.35
CA LEU D 193 19.11 21.32 -14.83
C LEU D 193 20.54 21.73 -14.48
N ILE D 194 20.86 21.69 -13.20
CA ILE D 194 22.25 21.89 -12.77
C ILE D 194 22.66 20.63 -12.03
N PRO D 195 23.31 19.68 -12.69
CA PRO D 195 23.53 18.36 -12.11
C PRO D 195 24.27 18.44 -10.79
N CYS D 196 24.06 17.40 -9.97
CA CYS D 196 24.78 17.28 -8.71
C CYS D 196 26.24 16.96 -8.98
N GLY D 197 27.13 17.64 -8.27
CA GLY D 197 28.55 17.45 -8.50
C GLY D 197 29.37 18.11 -7.41
N THR D 198 30.65 17.71 -7.35
CA THR D 198 31.59 18.30 -6.41
C THR D 198 32.07 19.67 -6.87
N ASN D 199 31.90 20.01 -8.14
CA ASN D 199 32.45 21.24 -8.72
C ASN D 199 31.56 22.43 -8.36
N TRP D 200 31.72 22.91 -7.12
CA TRP D 200 30.93 24.06 -6.69
C TRP D 200 31.38 25.36 -7.33
N GLU D 201 32.61 25.42 -7.83
CA GLU D 201 33.06 26.62 -8.53
C GLU D 201 32.29 26.80 -9.84
N ALA D 202 32.16 25.71 -10.60
CA ALA D 202 31.39 25.77 -11.84
C ALA D 202 29.92 26.02 -11.58
N ILE D 203 29.34 25.34 -10.58
CA ILE D 203 27.93 25.52 -10.27
C ILE D 203 27.62 27.00 -10.02
N ALA D 204 28.54 27.69 -9.32
CA ALA D 204 28.32 29.09 -8.98
C ALA D 204 28.40 29.98 -10.22
N LEU D 205 29.19 29.58 -11.23
CA LEU D 205 29.16 30.33 -12.48
C LEU D 205 27.95 29.97 -13.31
N GLN D 206 27.48 28.73 -13.18
CA GLN D 206 26.16 28.40 -13.73
C GLN D 206 25.07 29.13 -12.96
N MET D 207 25.16 29.12 -11.63
CA MET D 207 24.14 29.79 -10.82
C MET D 207 24.17 31.30 -11.04
N GLY D 208 25.36 31.90 -11.00
CA GLY D 208 25.47 33.34 -11.17
C GLY D 208 25.08 33.82 -12.56
N GLN D 209 25.19 32.97 -13.57
CA GLN D 209 24.67 33.30 -14.88
C GLN D 209 23.15 33.34 -14.86
N LEU D 210 22.53 32.29 -14.34
CA LEU D 210 21.08 32.22 -14.25
C LEU D 210 20.51 33.37 -13.40
N TYR D 211 21.24 33.77 -12.35
CA TYR D 211 20.81 34.89 -11.52
C TYR D 211 20.74 36.18 -12.33
N ARG D 212 21.88 36.60 -12.89
CA ARG D 212 21.97 37.86 -13.61
C ARG D 212 21.12 37.86 -14.88
N GLN D 213 20.68 36.69 -15.34
CA GLN D 213 19.78 36.66 -16.48
C GLN D 213 18.40 37.17 -16.10
N LEU D 214 17.82 36.61 -15.04
CA LEU D 214 16.53 37.08 -14.54
C LEU D 214 16.61 38.51 -14.02
N PHE D 215 17.80 39.00 -13.68
CA PHE D 215 17.96 40.42 -13.39
C PHE D 215 17.99 41.27 -14.65
N ALA D 216 18.53 40.73 -15.73
CA ALA D 216 18.62 41.45 -17.00
C ALA D 216 17.24 41.69 -17.58
#